data_7V4E
#
_entry.id   7V4E
#
_cell.length_a   119.687
_cell.length_b   119.687
_cell.length_c   81.141
_cell.angle_alpha   90.00
_cell.angle_beta   90.00
_cell.angle_gamma   120.00
#
_symmetry.space_group_name_H-M   'P 31'
#
loop_
_entity.id
_entity.type
_entity.pdbx_description
1 polymer VpsR
2 non-polymer 'SULFATE ION'
3 non-polymer "9,9'-[(2R,3R,3aS,5S,7aR,9R,10R,10aS,12S,14aR)-3,5,10,12-tetrahydroxy-5,12-dioxidooctahydro-2H,7H-difuro[3,2-d:3',2'-j][1,3,7,9,2,8]tetraoxadiphosphacyclododecine-2,9-diyl]bis(2-amino-1,9-dihydro-6H-purin-6-one)"
#
_entity_poly.entity_id   1
_entity_poly.type   'polypeptide(L)'
_entity_poly.pdbx_seq_one_letter_code
;HHHHHHSSGLVPRGSHMMSTQFRMDSVPGSLVVVGGTYEPWLPVLEKVGWRCTQVADLRKPDALFVETGPCIGIVDLSHD
EFSLNGIANLVSSHKQVRWLAFIREAQLSSDTICQFIVNFCIDFFTAPIPDAQLLSTIGHQLGMLKLEKKVWPHFGSAGN
MGLIGESMPMKRLRDQIKRIGPTDVSILIYGESGTGKETVAKAIHKTSSRAQKPFISVNCRAMSEKRLESELFGLGETEE
GQQPFLLQADGGTLLLNDILTLPKSQQLNLLRFLQEGTVETRQGVRAVDVRILAANSSDIEKALIDGDFNEELYHYINVL
RINVPSLKERASDIVLLAKHFLQEYSKEYNAQARSFSDDAVRGLTRYHWPGNVRELMNQIKRVVLMSDTVVLDESQLDL
;
_entity_poly.pdbx_strand_id   A,D
#
# COMPACT_ATOMS: atom_id res chain seq x y z
N SER A 26 4.40 -30.80 0.30
CA SER A 26 4.55 -29.37 0.53
C SER A 26 5.27 -28.69 -0.63
N VAL A 27 4.65 -27.64 -1.16
CA VAL A 27 5.23 -26.95 -2.32
C VAL A 27 5.62 -25.47 -2.11
N PRO A 28 6.12 -25.11 -0.91
CA PRO A 28 6.63 -23.73 -0.94
C PRO A 28 8.08 -23.68 -1.38
N GLY A 29 8.70 -22.50 -1.30
CA GLY A 29 10.08 -22.34 -1.69
C GLY A 29 10.24 -22.26 -3.19
N SER A 30 10.59 -21.08 -3.69
CA SER A 30 10.73 -20.86 -5.13
C SER A 30 11.61 -19.66 -5.46
N LEU A 31 12.80 -19.93 -5.98
CA LEU A 31 13.70 -18.86 -6.39
C LEU A 31 13.38 -18.43 -7.83
N VAL A 32 13.95 -17.31 -8.26
CA VAL A 32 13.65 -16.79 -9.60
C VAL A 32 14.86 -16.10 -10.25
N VAL A 33 15.29 -16.65 -11.38
CA VAL A 33 16.44 -16.15 -12.12
C VAL A 33 16.60 -16.93 -13.43
N VAL A 34 17.15 -16.29 -14.44
CA VAL A 34 17.47 -16.96 -15.71
C VAL A 34 18.61 -17.96 -15.50
N GLY A 35 19.29 -17.84 -14.36
CA GLY A 35 20.36 -18.76 -14.01
C GLY A 35 19.83 -20.11 -13.60
N GLY A 36 19.63 -20.29 -12.30
CA GLY A 36 19.20 -21.57 -11.78
C GLY A 36 20.38 -22.50 -11.58
N THR A 37 21.44 -22.27 -12.35
CA THR A 37 22.66 -23.07 -12.27
C THR A 37 23.51 -22.56 -11.12
N TYR A 38 23.01 -21.54 -10.43
CA TYR A 38 23.64 -21.10 -9.20
C TYR A 38 23.28 -22.06 -8.08
N GLU A 39 23.67 -23.32 -8.26
CA GLU A 39 23.41 -24.37 -7.29
C GLU A 39 24.54 -24.63 -6.26
N PRO A 40 25.43 -23.65 -5.98
CA PRO A 40 26.17 -23.91 -4.74
C PRO A 40 25.29 -23.86 -3.48
N TRP A 41 23.99 -23.67 -3.62
CA TRP A 41 23.07 -23.67 -2.50
C TRP A 41 21.73 -24.35 -2.79
N LEU A 42 21.55 -24.87 -4.00
CA LEU A 42 20.25 -25.42 -4.38
C LEU A 42 20.08 -26.90 -4.00
N PRO A 43 21.02 -27.79 -4.38
CA PRO A 43 20.81 -29.17 -3.95
C PRO A 43 20.99 -29.33 -2.44
N VAL A 44 21.70 -28.39 -1.83
CA VAL A 44 21.84 -28.36 -0.38
C VAL A 44 20.47 -28.15 0.26
N LEU A 45 19.61 -27.40 -0.43
CA LEU A 45 18.22 -27.24 -0.03
C LEU A 45 17.40 -28.45 -0.44
N GLU A 46 17.85 -29.15 -1.48
CA GLU A 46 17.14 -30.31 -1.99
C GLU A 46 17.52 -31.60 -1.26
N LYS A 47 18.79 -31.73 -0.94
CA LYS A 47 19.30 -32.92 -0.28
C LYS A 47 18.80 -33.02 1.15
N VAL A 48 18.30 -31.91 1.69
CA VAL A 48 17.71 -31.92 3.01
C VAL A 48 16.24 -32.32 2.88
N GLY A 49 15.76 -32.39 1.65
CA GLY A 49 14.43 -32.91 1.35
C GLY A 49 13.34 -31.87 1.19
N TRP A 50 13.59 -30.88 0.32
CA TRP A 50 12.63 -29.79 0.13
C TRP A 50 12.21 -29.57 -1.31
N ARG A 51 13.05 -30.03 -2.25
CA ARG A 51 12.89 -29.72 -3.68
C ARG A 51 12.97 -28.20 -3.92
N CYS A 52 12.67 -27.80 -5.15
CA CYS A 52 12.69 -26.38 -5.51
C CYS A 52 11.97 -26.13 -6.83
N THR A 53 11.59 -24.87 -7.06
CA THR A 53 10.90 -24.47 -8.28
C THR A 53 11.34 -23.09 -8.74
N GLN A 54 12.28 -23.03 -9.68
CA GLN A 54 12.85 -21.77 -10.13
C GLN A 54 12.00 -21.10 -11.21
N VAL A 55 12.23 -19.81 -11.41
CA VAL A 55 11.56 -19.06 -12.47
C VAL A 55 12.58 -18.24 -13.27
N ALA A 56 12.38 -18.17 -14.59
CA ALA A 56 13.31 -17.45 -15.45
C ALA A 56 12.85 -16.02 -15.71
N ASP A 57 11.83 -15.87 -16.54
CA ASP A 57 11.27 -14.55 -16.83
C ASP A 57 10.61 -13.96 -15.59
N LEU A 58 10.10 -12.73 -15.70
CA LEU A 58 9.51 -12.07 -14.55
C LEU A 58 8.00 -11.85 -14.74
N ARG A 59 7.51 -12.13 -15.95
CA ARG A 59 6.07 -12.04 -16.22
C ARG A 59 5.36 -13.25 -15.64
N LYS A 60 6.12 -14.32 -15.42
CA LYS A 60 5.58 -15.59 -14.95
C LYS A 60 5.41 -15.68 -13.42
N PRO A 61 6.44 -15.31 -12.63
CA PRO A 61 6.26 -15.43 -11.19
C PRO A 61 5.18 -14.50 -10.65
N ASP A 62 4.87 -13.44 -11.38
CA ASP A 62 3.80 -12.53 -10.99
C ASP A 62 2.47 -13.27 -10.88
N ALA A 63 2.28 -14.25 -11.77
CA ALA A 63 1.08 -15.07 -11.75
C ALA A 63 1.23 -16.26 -10.82
N LEU A 64 2.47 -16.55 -10.43
CA LEU A 64 2.75 -17.69 -9.55
C LEU A 64 2.70 -17.30 -8.08
N PHE A 65 3.40 -16.21 -7.75
CA PHE A 65 3.50 -15.74 -6.37
C PHE A 65 2.15 -15.49 -5.71
N VAL A 66 1.17 -15.03 -6.50
CA VAL A 66 -0.17 -14.80 -5.99
C VAL A 66 -0.86 -16.12 -5.64
N GLU A 67 -0.95 -17.01 -6.62
CA GLU A 67 -1.62 -18.29 -6.45
C GLU A 67 -0.96 -19.13 -5.36
N THR A 68 0.38 -19.11 -5.33
CA THR A 68 1.13 -19.82 -4.30
C THR A 68 0.82 -19.29 -2.91
N GLY A 69 0.40 -18.03 -2.84
CA GLY A 69 0.20 -17.37 -1.57
C GLY A 69 1.52 -17.23 -0.84
N PRO A 70 1.51 -17.34 0.49
CA PRO A 70 2.72 -17.27 1.31
C PRO A 70 3.76 -18.32 0.95
N CYS A 71 4.98 -17.87 0.66
CA CYS A 71 6.09 -18.78 0.37
C CYS A 71 7.42 -18.03 0.52
N ILE A 72 8.51 -18.77 0.48
CA ILE A 72 9.84 -18.15 0.52
C ILE A 72 10.43 -18.08 -0.88
N GLY A 73 10.70 -16.88 -1.35
CA GLY A 73 11.21 -16.67 -2.69
C GLY A 73 12.58 -16.04 -2.72
N ILE A 74 13.55 -16.77 -3.25
CA ILE A 74 14.91 -16.28 -3.35
C ILE A 74 15.12 -15.51 -4.65
N VAL A 75 15.45 -14.22 -4.54
CA VAL A 75 15.73 -13.42 -5.72
C VAL A 75 17.25 -13.30 -5.93
N ASP A 76 17.79 -14.12 -6.82
CA ASP A 76 19.23 -14.14 -7.09
C ASP A 76 19.68 -12.96 -7.96
N LEU A 77 20.47 -12.07 -7.38
CA LEU A 77 20.90 -10.87 -8.11
C LEU A 77 22.42 -10.67 -8.12
N SER A 78 23.13 -11.58 -8.78
CA SER A 78 24.51 -11.31 -9.17
C SER A 78 24.45 -10.51 -10.46
N HIS A 79 23.81 -9.34 -10.38
CA HIS A 79 23.32 -8.60 -11.54
C HIS A 79 22.40 -9.49 -12.36
N ASP A 80 22.98 -10.49 -13.03
CA ASP A 80 22.23 -11.59 -13.66
C ASP A 80 21.05 -11.15 -14.53
N GLU A 81 21.17 -9.97 -15.14
CA GLU A 81 20.38 -9.57 -16.30
C GLU A 81 18.96 -9.01 -16.03
N PHE A 82 18.28 -9.45 -14.97
CA PHE A 82 16.86 -9.05 -14.82
C PHE A 82 16.58 -7.91 -13.82
N SER A 83 16.72 -6.68 -14.33
CA SER A 83 16.10 -5.47 -13.75
C SER A 83 16.40 -5.15 -12.28
N LEU A 84 15.74 -4.10 -11.78
CA LEU A 84 15.85 -3.67 -10.39
C LEU A 84 14.62 -2.84 -10.01
N ASN A 85 14.04 -2.16 -11.00
CA ASN A 85 12.79 -1.42 -10.79
C ASN A 85 11.60 -2.36 -10.73
N GLY A 86 11.54 -3.29 -11.67
CA GLY A 86 10.49 -4.30 -11.70
C GLY A 86 10.73 -5.32 -10.60
N ILE A 87 11.99 -5.47 -10.21
CA ILE A 87 12.37 -6.32 -9.09
C ILE A 87 11.73 -5.81 -7.80
N ALA A 88 11.72 -4.49 -7.63
CA ALA A 88 11.12 -3.86 -6.47
C ALA A 88 9.60 -3.89 -6.59
N ASN A 89 9.12 -3.91 -7.82
CA ASN A 89 7.68 -3.94 -8.10
C ASN A 89 7.04 -5.27 -7.74
N LEU A 90 7.66 -6.35 -8.22
CA LEU A 90 7.16 -7.70 -7.98
C LEU A 90 7.09 -8.00 -6.48
N VAL A 91 7.97 -7.38 -5.72
CA VAL A 91 8.00 -7.56 -4.27
C VAL A 91 6.80 -6.91 -3.59
N SER A 92 6.36 -5.77 -4.16
CA SER A 92 5.36 -4.95 -3.50
C SER A 92 3.96 -5.02 -4.14
N SER A 93 3.90 -5.38 -5.42
CA SER A 93 2.65 -5.39 -6.16
C SER A 93 1.63 -6.37 -5.57
N HIS A 94 1.15 -6.05 -4.35
CA HIS A 94 0.24 -6.90 -3.59
C HIS A 94 0.85 -8.26 -3.24
N LYS A 95 2.17 -8.33 -3.23
CA LYS A 95 2.87 -9.55 -2.82
C LYS A 95 3.60 -9.36 -1.50
N GLN A 96 3.14 -8.41 -0.70
CA GLN A 96 3.78 -8.12 0.58
C GLN A 96 3.54 -9.24 1.60
N VAL A 97 2.31 -9.30 2.12
CA VAL A 97 1.96 -10.27 3.15
C VAL A 97 1.95 -11.69 2.61
N ARG A 98 1.54 -11.84 1.36
CA ARG A 98 1.44 -13.17 0.75
C ARG A 98 2.78 -13.64 0.20
N TRP A 99 3.87 -13.13 0.76
CA TRP A 99 5.21 -13.58 0.39
C TRP A 99 6.31 -13.04 1.32
N LEU A 100 7.05 -13.95 1.94
CA LEU A 100 8.23 -13.58 2.70
C LEU A 100 9.45 -13.52 1.79
N ALA A 101 10.03 -12.34 1.67
CA ALA A 101 11.07 -12.07 0.67
C ALA A 101 12.42 -12.67 1.04
N PHE A 102 13.27 -12.86 0.03
CA PHE A 102 14.60 -13.43 0.20
C PHE A 102 15.44 -13.13 -1.04
N ILE A 103 16.73 -12.83 -0.84
CA ILE A 103 17.59 -12.41 -1.95
C ILE A 103 18.94 -13.12 -2.00
N ARG A 104 19.65 -12.96 -3.11
CA ARG A 104 20.94 -13.60 -3.32
C ARG A 104 21.85 -12.81 -4.28
N GLU A 105 23.13 -12.72 -3.92
CA GLU A 105 24.13 -12.10 -4.78
C GLU A 105 25.53 -12.62 -4.40
N ALA A 106 26.55 -12.24 -5.17
CA ALA A 106 27.89 -12.76 -4.95
C ALA A 106 28.93 -11.66 -4.74
N GLN A 107 29.33 -11.46 -3.48
CA GLN A 107 30.28 -10.41 -3.08
C GLN A 107 29.85 -9.00 -3.51
N LEU A 108 29.35 -8.90 -4.74
CA LEU A 108 28.68 -7.72 -5.27
C LEU A 108 27.97 -6.90 -4.22
N SER A 109 28.74 -6.15 -3.44
CA SER A 109 28.20 -5.35 -2.34
C SER A 109 27.12 -4.42 -2.87
N SER A 110 27.36 -3.86 -4.06
CA SER A 110 26.40 -3.01 -4.76
C SER A 110 25.85 -1.95 -3.82
N ASP A 111 26.75 -1.15 -3.27
CA ASP A 111 26.41 -0.13 -2.27
C ASP A 111 25.28 0.79 -2.70
N THR A 112 25.11 0.97 -4.00
CA THR A 112 24.09 1.86 -4.54
C THR A 112 22.68 1.39 -4.21
N ILE A 113 22.06 0.70 -5.16
CA ILE A 113 20.67 0.27 -4.99
C ILE A 113 20.61 -1.01 -4.17
N CYS A 114 21.32 -1.00 -3.05
CA CYS A 114 21.17 -2.03 -2.03
C CYS A 114 19.94 -1.65 -1.21
N GLN A 115 19.36 -0.50 -1.53
CA GLN A 115 18.16 0.00 -0.88
C GLN A 115 16.96 -0.92 -1.11
N PHE A 116 17.17 -1.97 -1.91
CA PHE A 116 16.14 -2.96 -2.15
C PHE A 116 15.81 -3.74 -0.88
N ILE A 117 16.67 -3.65 0.13
CA ILE A 117 16.41 -4.31 1.40
C ILE A 117 15.58 -3.40 2.32
N VAL A 118 14.98 -2.37 1.72
CA VAL A 118 13.96 -1.57 2.38
C VAL A 118 12.69 -2.40 2.47
N ASN A 119 12.65 -3.47 1.68
CA ASN A 119 11.50 -4.36 1.63
C ASN A 119 11.76 -5.68 2.38
N PHE A 120 12.25 -5.55 3.60
CA PHE A 120 12.49 -6.67 4.53
C PHE A 120 12.97 -7.98 3.91
N CYS A 121 13.84 -7.90 2.91
CA CYS A 121 14.54 -9.10 2.43
C CYS A 121 15.55 -9.50 3.50
N ILE A 122 15.03 -9.81 4.69
CA ILE A 122 15.75 -9.82 5.97
C ILE A 122 17.19 -10.34 5.92
N ASP A 123 17.47 -11.33 5.08
CA ASP A 123 18.85 -11.79 4.98
C ASP A 123 19.26 -12.02 3.53
N PHE A 124 20.46 -11.56 3.20
CA PHE A 124 21.01 -11.76 1.88
C PHE A 124 21.51 -13.19 1.70
N PHE A 125 22.41 -13.38 0.76
CA PHE A 125 22.97 -14.69 0.48
C PHE A 125 24.39 -14.54 -0.04
N THR A 126 25.37 -14.80 0.81
CA THR A 126 26.77 -14.56 0.50
C THR A 126 27.36 -15.56 -0.49
N ALA A 127 28.69 -15.57 -0.60
CA ALA A 127 29.41 -16.56 -1.38
C ALA A 127 30.18 -17.56 -0.51
N PRO A 128 30.80 -17.09 0.60
CA PRO A 128 31.28 -18.11 1.55
C PRO A 128 30.11 -18.79 2.25
N ILE A 129 29.33 -19.55 1.50
CA ILE A 129 28.12 -20.14 2.04
C ILE A 129 28.44 -21.33 2.92
N PRO A 130 27.85 -21.37 4.11
CA PRO A 130 27.90 -22.58 4.93
C PRO A 130 26.84 -23.57 4.45
N ASP A 131 27.20 -24.41 3.48
CA ASP A 131 26.26 -25.31 2.83
C ASP A 131 25.60 -26.31 3.79
N ALA A 132 25.03 -25.78 4.87
CA ALA A 132 24.36 -26.55 5.90
C ALA A 132 23.81 -25.59 6.96
N GLN A 133 24.50 -24.48 7.16
CA GLN A 133 24.11 -23.46 8.14
C GLN A 133 23.35 -22.32 7.50
N LEU A 134 23.29 -22.32 6.17
CA LEU A 134 22.38 -21.42 5.47
C LEU A 134 20.98 -22.00 5.61
N LEU A 135 20.93 -23.28 6.00
CA LEU A 135 19.69 -23.97 6.31
C LEU A 135 19.20 -23.54 7.69
N SER A 136 20.12 -23.10 8.52
CA SER A 136 19.78 -22.60 9.84
C SER A 136 18.97 -21.31 9.72
N THR A 137 19.31 -20.50 8.73
CA THR A 137 18.59 -19.26 8.45
C THR A 137 17.29 -19.54 7.71
N ILE A 138 17.39 -20.29 6.62
CA ILE A 138 16.24 -20.62 5.79
C ILE A 138 15.26 -21.53 6.53
N GLY A 139 15.77 -22.57 7.18
CA GLY A 139 14.95 -23.53 7.91
C GLY A 139 14.11 -22.91 9.01
N HIS A 140 14.63 -21.88 9.66
CA HIS A 140 13.87 -21.15 10.67
C HIS A 140 12.81 -20.31 9.97
N GLN A 141 13.12 -19.83 8.77
CA GLN A 141 12.15 -19.07 7.99
C GLN A 141 11.18 -20.00 7.27
N LEU A 142 11.67 -21.18 6.88
CA LEU A 142 10.82 -22.19 6.29
C LEU A 142 9.90 -22.75 7.36
N GLY A 143 10.45 -22.90 8.57
CA GLY A 143 9.66 -23.32 9.71
C GLY A 143 8.77 -22.20 10.19
N MET A 144 9.07 -20.98 9.73
CA MET A 144 8.24 -19.82 10.05
C MET A 144 6.98 -19.83 9.20
N LEU A 145 7.09 -20.32 7.98
CA LEU A 145 5.97 -20.37 7.05
C LEU A 145 5.14 -21.62 7.31
N LYS A 146 5.79 -22.66 7.82
CA LYS A 146 5.12 -23.92 8.11
C LYS A 146 4.10 -23.74 9.25
N LEU A 147 4.22 -22.63 9.97
CA LEU A 147 3.28 -22.28 11.02
C LEU A 147 1.88 -22.05 10.44
N GLU A 148 1.82 -21.28 9.36
CA GLU A 148 0.58 -20.85 8.76
C GLU A 148 -0.27 -22.00 8.21
N LYS A 149 0.33 -22.84 7.38
CA LYS A 149 -0.41 -23.88 6.67
C LYS A 149 -0.67 -25.12 7.51
N LYS A 150 0.04 -25.23 8.64
CA LYS A 150 -0.09 -26.42 9.47
C LYS A 150 -1.48 -26.56 10.09
N VAL A 151 -1.99 -25.47 10.65
CA VAL A 151 -3.26 -25.51 11.36
C VAL A 151 -4.45 -25.39 10.39
N TRP A 152 -4.16 -25.30 9.09
CA TRP A 152 -5.21 -25.38 8.07
C TRP A 152 -4.61 -25.76 6.71
N PRO A 153 -4.32 -27.06 6.51
CA PRO A 153 -3.65 -27.47 5.27
C PRO A 153 -4.58 -27.94 4.15
N HIS A 154 -5.80 -27.40 4.05
CA HIS A 154 -6.67 -27.79 2.94
C HIS A 154 -7.75 -26.75 2.64
N PHE A 155 -7.74 -25.64 3.37
CA PHE A 155 -8.70 -24.57 3.13
C PHE A 155 -8.33 -23.77 1.88
N GLY A 156 -9.19 -23.83 0.88
CA GLY A 156 -8.97 -23.10 -0.37
C GLY A 156 -10.14 -23.22 -1.31
N SER A 157 -11.06 -24.15 -1.01
CA SER A 157 -12.23 -24.37 -1.84
C SER A 157 -13.49 -23.89 -1.14
N ALA A 158 -13.89 -24.61 -0.11
CA ALA A 158 -15.12 -24.33 0.62
C ALA A 158 -14.98 -23.05 1.46
N GLY A 159 -14.58 -23.21 2.71
CA GLY A 159 -14.45 -22.07 3.61
C GLY A 159 -15.81 -21.51 3.97
N ASN A 160 -16.70 -22.39 4.41
CA ASN A 160 -18.12 -22.06 4.63
C ASN A 160 -18.73 -21.34 3.43
N MET A 161 -18.67 -22.02 2.29
CA MET A 161 -19.26 -21.57 1.02
C MET A 161 -18.56 -20.36 0.41
N GLY A 162 -17.58 -19.79 1.11
CA GLY A 162 -16.91 -18.61 0.62
C GLY A 162 -17.73 -17.36 0.84
N LEU A 163 -18.99 -17.55 1.21
CA LEU A 163 -19.92 -16.48 1.60
C LEU A 163 -20.43 -15.60 0.45
N ILE A 164 -19.75 -15.63 -0.71
CA ILE A 164 -20.25 -14.95 -1.91
C ILE A 164 -20.05 -15.81 -3.17
N GLY A 165 -18.86 -15.71 -3.78
CA GLY A 165 -18.60 -16.41 -5.03
C GLY A 165 -17.30 -17.20 -5.05
N GLU A 166 -16.94 -17.73 -6.23
CA GLU A 166 -15.76 -18.58 -6.38
C GLU A 166 -15.05 -18.39 -7.72
N SER A 167 -14.27 -17.33 -7.85
CA SER A 167 -13.54 -17.08 -9.10
C SER A 167 -12.03 -17.11 -8.87
N MET A 168 -11.29 -16.39 -9.71
CA MET A 168 -9.85 -16.27 -9.53
C MET A 168 -9.48 -15.27 -8.43
N PRO A 169 -10.03 -14.03 -8.48
CA PRO A 169 -9.67 -13.14 -7.38
C PRO A 169 -10.49 -13.42 -6.12
N MET A 170 -11.49 -14.29 -6.22
CA MET A 170 -12.31 -14.65 -5.08
C MET A 170 -11.67 -15.81 -4.33
N LYS A 171 -11.03 -16.70 -5.07
CA LYS A 171 -10.18 -17.72 -4.46
C LYS A 171 -9.01 -17.02 -3.79
N ARG A 172 -8.55 -15.96 -4.43
CA ARG A 172 -7.48 -15.13 -3.88
C ARG A 172 -7.92 -14.48 -2.57
N LEU A 173 -9.14 -13.96 -2.55
CA LEU A 173 -9.67 -13.25 -1.39
C LEU A 173 -9.71 -14.11 -0.14
N ARG A 174 -10.16 -15.35 -0.29
CA ARG A 174 -10.30 -16.27 0.84
C ARG A 174 -8.94 -16.66 1.41
N ASP A 175 -7.95 -16.79 0.55
CA ASP A 175 -6.59 -17.12 0.98
C ASP A 175 -6.01 -16.02 1.86
N GLN A 176 -6.42 -14.78 1.60
CA GLN A 176 -5.97 -13.65 2.41
C GLN A 176 -6.77 -13.57 3.69
N ILE A 177 -8.09 -13.73 3.57
CA ILE A 177 -9.01 -13.64 4.70
C ILE A 177 -8.61 -14.58 5.84
N LYS A 178 -8.13 -15.77 5.49
CA LYS A 178 -7.77 -16.75 6.49
C LYS A 178 -6.46 -16.42 7.20
N ARG A 179 -5.53 -15.80 6.49
CA ARG A 179 -4.24 -15.46 7.10
C ARG A 179 -4.22 -14.04 7.63
N ILE A 180 -5.39 -13.42 7.69
CA ILE A 180 -5.52 -12.08 8.24
C ILE A 180 -6.68 -12.02 9.23
N GLY A 181 -7.45 -13.11 9.26
CA GLY A 181 -8.58 -13.23 10.17
C GLY A 181 -8.21 -13.24 11.65
N PRO A 182 -7.62 -14.35 12.12
CA PRO A 182 -7.32 -14.63 13.54
C PRO A 182 -6.59 -13.50 14.25
N THR A 183 -5.59 -12.92 13.62
CA THR A 183 -4.84 -11.82 14.23
C THR A 183 -5.76 -10.66 14.58
N ASP A 184 -6.03 -10.49 15.87
CA ASP A 184 -6.96 -9.46 16.33
C ASP A 184 -6.45 -8.03 16.11
N VAL A 185 -5.88 -7.78 14.93
CA VAL A 185 -5.44 -6.45 14.54
C VAL A 185 -6.55 -5.79 13.71
N SER A 186 -6.41 -4.50 13.46
CA SER A 186 -7.37 -3.80 12.61
C SER A 186 -7.03 -4.03 11.14
N ILE A 187 -8.06 -4.01 10.30
CA ILE A 187 -7.88 -4.22 8.87
C ILE A 187 -8.65 -3.18 8.06
N LEU A 188 -7.99 -2.56 7.09
CA LEU A 188 -8.66 -1.62 6.20
C LEU A 188 -9.24 -2.35 5.00
N ILE A 189 -10.56 -2.26 4.86
CA ILE A 189 -11.25 -2.90 3.74
C ILE A 189 -11.64 -1.86 2.69
N TYR A 190 -10.78 -1.68 1.69
CA TYR A 190 -11.07 -0.74 0.62
C TYR A 190 -11.44 -1.47 -0.67
N GLY A 191 -12.59 -1.11 -1.22
CA GLY A 191 -13.11 -1.70 -2.43
C GLY A 191 -14.22 -0.82 -2.96
N GLU A 192 -14.85 -1.25 -4.05
CA GLU A 192 -15.90 -0.45 -4.65
C GLU A 192 -17.17 -0.51 -3.82
N SER A 193 -18.17 0.29 -4.20
CA SER A 193 -19.44 0.30 -3.48
C SER A 193 -20.22 -0.97 -3.74
N GLY A 194 -20.64 -1.62 -2.66
CA GLY A 194 -21.43 -2.84 -2.74
C GLY A 194 -20.60 -4.06 -3.10
N THR A 195 -19.29 -3.98 -2.86
CA THR A 195 -18.42 -5.13 -3.07
C THR A 195 -18.60 -6.14 -1.94
N GLY A 196 -19.16 -5.68 -0.82
CA GLY A 196 -19.39 -6.54 0.32
C GLY A 196 -18.40 -6.32 1.45
N LYS A 197 -18.16 -5.06 1.79
CA LYS A 197 -17.29 -4.72 2.89
C LYS A 197 -17.86 -5.25 4.20
N GLU A 198 -19.18 -5.14 4.34
CA GLU A 198 -19.88 -5.69 5.49
C GLU A 198 -19.83 -7.21 5.47
N THR A 199 -19.86 -7.77 4.27
CA THR A 199 -19.80 -9.21 4.08
C THR A 199 -18.43 -9.76 4.49
N VAL A 200 -17.37 -9.05 4.11
CA VAL A 200 -16.02 -9.45 4.44
C VAL A 200 -15.76 -9.32 5.94
N ALA A 201 -16.30 -8.26 6.53
CA ALA A 201 -16.14 -8.02 7.96
C ALA A 201 -16.75 -9.16 8.77
N LYS A 202 -17.85 -9.70 8.28
CA LYS A 202 -18.49 -10.86 8.90
C LYS A 202 -17.62 -12.11 8.74
N ALA A 203 -16.94 -12.19 7.60
CA ALA A 203 -16.15 -13.36 7.26
C ALA A 203 -14.95 -13.55 8.18
N ILE A 204 -14.16 -12.49 8.36
CA ILE A 204 -12.97 -12.56 9.18
C ILE A 204 -13.32 -12.59 10.67
N HIS A 205 -14.53 -12.17 10.99
CA HIS A 205 -15.00 -12.18 12.37
C HIS A 205 -15.15 -13.61 12.88
N LYS A 206 -15.53 -14.51 11.97
CA LYS A 206 -15.70 -15.91 12.31
C LYS A 206 -14.35 -16.58 12.58
N THR A 207 -13.29 -16.00 12.02
CA THR A 207 -11.95 -16.55 12.16
C THR A 207 -11.18 -15.85 13.28
N SER A 208 -11.78 -14.80 13.83
CA SER A 208 -11.12 -13.95 14.82
C SER A 208 -11.15 -14.54 16.23
N SER A 209 -11.67 -15.77 16.34
CA SER A 209 -11.79 -16.50 17.61
C SER A 209 -12.68 -15.79 18.64
N ARG A 210 -13.16 -14.60 18.30
CA ARG A 210 -14.13 -13.87 19.11
C ARG A 210 -15.47 -13.90 18.40
N ALA A 211 -15.68 -14.94 17.60
CA ALA A 211 -16.79 -15.03 16.67
C ALA A 211 -18.16 -14.88 17.33
N GLN A 212 -18.38 -15.64 18.40
CA GLN A 212 -19.66 -15.64 19.09
C GLN A 212 -20.03 -14.26 19.65
N LYS A 213 -19.01 -13.54 20.12
CA LYS A 213 -19.22 -12.22 20.69
C LYS A 213 -19.70 -11.24 19.61
N PRO A 214 -20.47 -10.21 20.02
CA PRO A 214 -21.19 -9.26 19.15
C PRO A 214 -20.47 -8.74 17.91
N PHE A 215 -21.27 -8.40 16.90
CA PHE A 215 -20.79 -7.79 15.68
C PHE A 215 -21.66 -6.58 15.36
N ILE A 216 -21.04 -5.42 15.17
CA ILE A 216 -21.79 -4.20 14.91
C ILE A 216 -21.32 -3.46 13.66
N SER A 217 -22.22 -3.32 12.69
CA SER A 217 -21.93 -2.60 11.46
C SER A 217 -22.54 -1.21 11.51
N VAL A 218 -21.72 -0.20 11.24
CA VAL A 218 -22.18 1.18 11.29
C VAL A 218 -22.09 1.84 9.92
N ASN A 219 -23.23 2.22 9.37
CA ASN A 219 -23.26 3.01 8.14
C ASN A 219 -22.98 4.48 8.45
N CYS A 220 -21.71 4.78 8.68
CA CYS A 220 -21.27 6.08 9.18
C CYS A 220 -21.52 7.25 8.22
N ARG A 221 -22.20 6.96 7.11
CA ARG A 221 -22.40 7.96 6.06
C ARG A 221 -23.26 9.13 6.50
N ALA A 222 -24.32 8.84 7.25
CA ALA A 222 -25.27 9.88 7.64
C ALA A 222 -25.40 10.04 9.15
N MET A 223 -24.37 9.61 9.88
CA MET A 223 -24.38 9.70 11.34
C MET A 223 -24.46 11.14 11.86
N SER A 224 -23.93 12.07 11.07
CA SER A 224 -24.08 13.50 11.32
C SER A 224 -23.77 13.93 12.76
N GLU A 225 -22.48 13.92 13.10
CA GLU A 225 -21.95 14.26 14.43
C GLU A 225 -22.82 13.96 15.66
N LYS A 226 -24.01 14.57 15.73
CA LYS A 226 -24.87 14.54 16.91
C LYS A 226 -24.96 13.18 17.62
N ARG A 227 -25.52 12.20 16.94
CA ARG A 227 -25.66 10.86 17.50
C ARG A 227 -24.33 10.10 17.44
N LEU A 228 -23.54 10.39 16.41
CA LEU A 228 -22.23 9.77 16.24
C LEU A 228 -21.31 10.04 17.42
N GLU A 229 -21.57 11.13 18.14
CA GLU A 229 -20.79 11.49 19.32
C GLU A 229 -21.50 10.99 20.58
N SER A 230 -22.79 10.70 20.46
CA SER A 230 -23.56 10.17 21.58
C SER A 230 -23.14 8.74 21.89
N GLU A 231 -22.60 8.07 20.87
CA GLU A 231 -22.07 6.72 20.98
C GLU A 231 -20.85 6.67 21.90
N LEU A 232 -20.05 7.72 21.88
CA LEU A 232 -18.79 7.75 22.62
C LEU A 232 -18.91 8.57 23.90
N PHE A 233 -18.76 9.89 23.75
CA PHE A 233 -18.90 10.80 24.89
C PHE A 233 -20.26 11.46 24.86
N GLY A 234 -21.17 10.97 25.71
CA GLY A 234 -22.54 11.42 25.73
C GLY A 234 -22.71 12.92 25.88
N LEU A 235 -23.17 13.57 24.81
CA LEU A 235 -23.39 15.01 24.82
C LEU A 235 -24.59 15.40 25.68
N GLY A 236 -25.22 16.51 25.30
CA GLY A 236 -26.33 17.07 26.08
C GLY A 236 -27.58 16.21 26.12
N GLU A 237 -27.40 14.91 25.95
CA GLU A 237 -28.48 13.93 26.05
C GLU A 237 -27.93 12.52 26.05
N THR A 238 -28.46 11.69 26.96
CA THR A 238 -28.13 10.28 27.04
C THR A 238 -29.32 9.56 27.68
N GLU A 239 -30.45 9.58 26.96
CA GLU A 239 -31.77 9.09 27.41
C GLU A 239 -31.80 8.32 28.72
N GLU A 240 -31.63 7.00 28.65
CA GLU A 240 -31.52 6.19 29.86
C GLU A 240 -30.30 5.29 29.76
N GLY A 241 -30.46 4.14 29.12
CA GLY A 241 -29.36 3.23 28.92
C GLY A 241 -28.43 3.74 27.84
N GLN A 242 -29.01 4.10 26.70
CA GLN A 242 -28.27 4.60 25.53
C GLN A 242 -27.29 3.56 24.98
N GLN A 243 -26.57 2.91 25.89
CA GLN A 243 -25.58 1.86 25.62
C GLN A 243 -24.81 2.03 24.32
N PRO A 244 -23.60 2.60 24.41
CA PRO A 244 -22.64 2.84 23.34
C PRO A 244 -22.51 1.67 22.36
N PHE A 245 -22.22 1.99 21.10
CA PHE A 245 -22.00 0.96 20.09
C PHE A 245 -20.80 0.09 20.48
N LEU A 246 -19.87 0.67 21.22
CA LEU A 246 -18.70 -0.05 21.69
C LEU A 246 -19.01 -0.83 22.98
N LEU A 247 -19.97 -0.35 23.75
CA LEU A 247 -20.38 -1.03 24.98
C LEU A 247 -20.89 -2.44 24.72
N GLN A 248 -21.75 -2.56 23.71
CA GLN A 248 -22.26 -3.87 23.32
C GLN A 248 -21.18 -4.71 22.66
N ALA A 249 -20.31 -4.06 21.89
CA ALA A 249 -19.26 -4.75 21.17
C ALA A 249 -18.06 -5.07 22.06
N ASP A 250 -18.32 -5.49 23.30
CA ASP A 250 -17.27 -5.75 24.28
C ASP A 250 -16.24 -6.77 23.80
N GLY A 251 -16.56 -8.05 23.90
CA GLY A 251 -15.62 -9.09 23.51
C GLY A 251 -15.62 -9.36 22.03
N GLY A 252 -16.36 -8.55 21.27
CA GLY A 252 -16.53 -8.79 19.85
C GLY A 252 -15.85 -7.80 18.92
N THR A 253 -16.56 -7.42 17.86
CA THR A 253 -15.99 -6.61 16.80
C THR A 253 -16.93 -5.47 16.37
N LEU A 254 -16.38 -4.28 16.20
CA LEU A 254 -17.14 -3.15 15.69
C LEU A 254 -16.59 -2.71 14.33
N LEU A 255 -17.49 -2.44 13.39
CA LEU A 255 -17.10 -2.06 12.04
C LEU A 255 -17.59 -0.64 11.68
N LEU A 256 -16.75 0.10 10.97
CA LEU A 256 -17.11 1.42 10.49
C LEU A 256 -16.93 1.50 8.97
N ASN A 257 -18.04 1.53 8.24
CA ASN A 257 -18.00 1.65 6.78
C ASN A 257 -17.95 3.11 6.34
N ASP A 258 -17.31 3.36 5.21
CA ASP A 258 -17.15 4.71 4.67
C ASP A 258 -16.50 5.63 5.70
N ILE A 259 -15.37 5.19 6.23
CA ILE A 259 -14.68 5.90 7.32
C ILE A 259 -14.24 7.31 6.93
N LEU A 260 -14.17 7.60 5.64
CA LEU A 260 -13.76 8.92 5.18
C LEU A 260 -14.87 9.94 5.36
N THR A 261 -16.06 9.45 5.69
CA THR A 261 -17.21 10.31 5.99
C THR A 261 -17.23 10.72 7.46
N LEU A 262 -16.19 10.31 8.19
CA LEU A 262 -16.05 10.67 9.60
C LEU A 262 -15.63 12.13 9.74
N PRO A 263 -16.41 12.91 10.50
CA PRO A 263 -16.09 14.30 10.80
C PRO A 263 -14.81 14.40 11.63
N LYS A 264 -14.20 15.58 11.65
CA LYS A 264 -12.90 15.77 12.31
C LYS A 264 -12.94 15.45 13.81
N SER A 265 -13.90 16.02 14.52
CA SER A 265 -13.98 15.84 15.97
C SER A 265 -14.42 14.42 16.36
N GLN A 266 -14.83 13.63 15.39
CA GLN A 266 -15.28 12.27 15.65
C GLN A 266 -14.15 11.26 15.48
N GLN A 267 -13.26 11.53 14.52
CA GLN A 267 -12.09 10.69 14.30
C GLN A 267 -11.22 10.65 15.54
N LEU A 268 -11.22 11.75 16.30
CA LEU A 268 -10.44 11.86 17.52
C LEU A 268 -10.95 10.92 18.61
N ASN A 269 -12.26 10.80 18.72
CA ASN A 269 -12.88 9.94 19.72
C ASN A 269 -12.71 8.46 19.38
N LEU A 270 -12.68 8.15 18.08
CA LEU A 270 -12.33 6.81 17.65
C LEU A 270 -10.85 6.60 17.91
N LEU A 271 -10.06 7.65 17.70
CA LEU A 271 -8.63 7.63 18.01
C LEU A 271 -8.42 7.57 19.52
N ARG A 272 -9.37 8.16 20.25
CA ARG A 272 -9.35 8.12 21.72
C ARG A 272 -9.51 6.70 22.22
N PHE A 273 -10.53 6.02 21.72
CA PHE A 273 -10.74 4.62 22.06
C PHE A 273 -9.61 3.77 21.50
N LEU A 274 -8.97 4.23 20.43
CA LEU A 274 -7.84 3.51 19.90
C LEU A 274 -6.65 3.66 20.83
N GLN A 275 -6.43 4.87 21.33
CA GLN A 275 -5.27 5.16 22.16
C GLN A 275 -5.47 4.82 23.63
N GLU A 276 -6.71 4.52 24.02
CA GLU A 276 -7.01 4.27 25.43
C GLU A 276 -7.94 3.08 25.62
N GLY A 277 -8.89 2.91 24.71
CA GLY A 277 -9.82 1.80 24.79
C GLY A 277 -10.92 2.05 25.80
N THR A 278 -11.44 3.27 25.81
CA THR A 278 -12.41 3.68 26.82
C THR A 278 -13.58 4.48 26.25
N VAL A 279 -14.80 4.05 26.55
CA VAL A 279 -15.99 4.78 26.14
C VAL A 279 -16.87 5.06 27.36
N GLU A 280 -17.64 6.14 27.29
CA GLU A 280 -18.53 6.50 28.40
C GLU A 280 -19.92 5.92 28.22
N THR A 281 -20.41 5.25 29.25
CA THR A 281 -21.78 4.74 29.27
C THR A 281 -22.59 5.51 30.32
N ARG A 282 -23.87 5.18 30.46
CA ARG A 282 -24.74 5.87 31.39
C ARG A 282 -24.33 5.65 32.84
N GLN A 283 -23.89 4.43 33.14
CA GLN A 283 -23.55 4.06 34.51
C GLN A 283 -22.04 4.14 34.76
N GLY A 284 -21.40 5.11 34.11
CA GLY A 284 -19.98 5.35 34.33
C GLY A 284 -19.11 5.07 33.13
N VAL A 285 -17.99 5.77 33.04
CA VAL A 285 -17.04 5.58 31.96
C VAL A 285 -16.22 4.30 32.20
N ARG A 286 -16.14 3.46 31.18
CA ARG A 286 -15.51 2.15 31.34
C ARG A 286 -14.73 1.73 30.10
N ALA A 287 -13.59 1.07 30.32
CA ALA A 287 -12.72 0.63 29.26
C ALA A 287 -13.06 -0.78 28.79
N VAL A 288 -12.92 -1.01 27.49
CA VAL A 288 -13.18 -2.33 26.92
C VAL A 288 -12.14 -2.69 25.86
N ASP A 289 -12.24 -3.91 25.34
CA ASP A 289 -11.29 -4.39 24.35
C ASP A 289 -11.99 -4.81 23.06
N VAL A 290 -12.02 -3.90 22.09
CA VAL A 290 -12.72 -4.15 20.83
C VAL A 290 -11.79 -4.18 19.62
N ARG A 291 -11.92 -5.20 18.79
CA ARG A 291 -11.23 -5.24 17.51
C ARG A 291 -12.01 -4.44 16.48
N ILE A 292 -11.60 -3.20 16.27
CA ILE A 292 -12.31 -2.30 15.36
C ILE A 292 -11.81 -2.41 13.93
N LEU A 293 -12.72 -2.72 13.03
CA LEU A 293 -12.42 -2.79 11.61
C LEU A 293 -13.00 -1.58 10.88
N ALA A 294 -12.56 -1.38 9.65
CA ALA A 294 -13.02 -0.25 8.86
C ALA A 294 -13.33 -0.65 7.42
N ALA A 295 -13.96 0.27 6.69
CA ALA A 295 -14.29 0.03 5.29
C ALA A 295 -14.21 1.33 4.50
N ASN A 296 -13.36 1.34 3.48
CA ASN A 296 -13.11 2.55 2.68
C ASN A 296 -13.76 2.49 1.30
N SER A 297 -14.20 3.66 0.82
CA SER A 297 -14.83 3.74 -0.50
C SER A 297 -14.07 4.68 -1.44
N SER A 298 -13.69 5.85 -0.94
CA SER A 298 -13.04 6.87 -1.75
C SER A 298 -11.54 6.64 -1.86
N ASP A 299 -10.88 7.43 -2.70
CA ASP A 299 -9.43 7.35 -2.87
C ASP A 299 -8.74 7.76 -1.57
N ILE A 300 -8.08 6.81 -0.92
CA ILE A 300 -7.52 7.02 0.42
C ILE A 300 -6.31 7.96 0.41
N GLU A 301 -5.60 8.00 -0.70
CA GLU A 301 -4.39 8.81 -0.80
C GLU A 301 -4.70 10.30 -0.82
N LYS A 302 -5.70 10.69 -1.61
CA LYS A 302 -6.05 12.09 -1.74
C LYS A 302 -6.64 12.62 -0.44
N ALA A 303 -7.42 11.79 0.25
CA ALA A 303 -8.06 12.20 1.50
C ALA A 303 -7.05 12.51 2.60
N LEU A 304 -5.86 11.92 2.51
CA LEU A 304 -4.84 12.10 3.54
C LEU A 304 -4.00 13.35 3.30
N ILE A 305 -3.46 13.48 2.09
CA ILE A 305 -2.74 14.68 1.68
C ILE A 305 -3.58 15.92 1.93
N ASP A 306 -4.86 15.83 1.60
CA ASP A 306 -5.79 16.94 1.73
C ASP A 306 -6.09 17.25 3.20
N GLY A 307 -6.01 16.24 4.05
CA GLY A 307 -6.22 16.45 5.48
C GLY A 307 -7.65 16.23 5.91
N ASP A 308 -8.43 15.54 5.08
CA ASP A 308 -9.78 15.15 5.46
C ASP A 308 -9.73 14.19 6.65
N PHE A 309 -8.83 13.23 6.55
CA PHE A 309 -8.70 12.17 7.55
C PHE A 309 -7.32 12.22 8.20
N ASN A 310 -7.28 11.99 9.51
CA ASN A 310 -6.03 11.95 10.25
C ASN A 310 -5.18 10.75 9.87
N GLU A 311 -3.90 10.98 9.59
CA GLU A 311 -3.03 9.93 9.10
C GLU A 311 -2.47 9.08 10.24
N GLU A 312 -2.41 9.66 11.44
CA GLU A 312 -1.97 8.91 12.61
C GLU A 312 -2.99 7.84 12.96
N LEU A 313 -4.27 8.15 12.75
CA LEU A 313 -5.34 7.18 12.93
C LEU A 313 -5.33 6.18 11.77
N TYR A 314 -4.88 6.66 10.61
CA TYR A 314 -4.81 5.84 9.39
C TYR A 314 -3.82 4.68 9.56
N HIS A 315 -2.66 4.96 10.15
CA HIS A 315 -1.64 3.96 10.36
C HIS A 315 -2.12 2.83 11.28
N TYR A 316 -3.01 3.17 12.20
CA TYR A 316 -3.59 2.18 13.09
C TYR A 316 -4.54 1.25 12.35
N ILE A 317 -5.32 1.80 11.45
CA ILE A 317 -6.26 1.01 10.66
C ILE A 317 -5.54 0.28 9.53
N ASN A 318 -4.69 1.00 8.82
CA ASN A 318 -3.94 0.43 7.69
C ASN A 318 -2.75 -0.42 8.14
N VAL A 319 -2.96 -1.23 9.18
CA VAL A 319 -1.95 -2.18 9.61
C VAL A 319 -1.84 -3.28 8.56
N LEU A 320 -3.00 -3.68 8.03
CA LEU A 320 -3.06 -4.66 6.97
C LEU A 320 -4.20 -4.35 6.00
N ARG A 321 -3.89 -4.43 4.71
CA ARG A 321 -4.84 -4.09 3.65
C ARG A 321 -5.44 -5.33 2.98
N ILE A 322 -6.70 -5.23 2.61
CA ILE A 322 -7.38 -6.28 1.85
C ILE A 322 -8.21 -5.68 0.72
N ASN A 323 -7.98 -6.17 -0.49
CA ASN A 323 -8.72 -5.70 -1.66
C ASN A 323 -9.90 -6.60 -2.01
N VAL A 324 -11.11 -6.06 -1.91
CA VAL A 324 -12.31 -6.81 -2.29
C VAL A 324 -12.57 -6.65 -3.79
N PRO A 325 -12.42 -7.75 -4.56
CA PRO A 325 -12.53 -7.75 -6.02
C PRO A 325 -13.85 -7.18 -6.53
N SER A 326 -13.79 -6.44 -7.64
CA SER A 326 -14.99 -5.91 -8.28
C SER A 326 -15.53 -6.91 -9.28
N LEU A 327 -16.76 -6.67 -9.75
CA LEU A 327 -17.37 -7.56 -10.72
C LEU A 327 -16.69 -7.44 -12.08
N LYS A 328 -16.02 -6.32 -12.32
CA LYS A 328 -15.25 -6.15 -13.55
C LYS A 328 -14.02 -7.03 -13.52
N GLU A 329 -13.58 -7.39 -12.31
CA GLU A 329 -12.44 -8.28 -12.13
C GLU A 329 -12.90 -9.71 -11.91
N ARG A 330 -14.21 -9.90 -11.82
CA ARG A 330 -14.77 -11.22 -11.58
C ARG A 330 -15.62 -11.67 -12.76
N ALA A 331 -14.96 -12.22 -13.78
CA ALA A 331 -15.67 -12.78 -14.93
C ALA A 331 -16.39 -14.05 -14.51
N SER A 332 -15.77 -15.20 -14.77
CA SER A 332 -16.38 -16.50 -14.46
C SER A 332 -16.86 -16.61 -13.01
N ASP A 333 -17.88 -15.82 -12.67
CA ASP A 333 -18.43 -15.78 -11.32
C ASP A 333 -19.69 -14.93 -11.27
N ILE A 334 -19.80 -14.00 -12.21
CA ILE A 334 -20.98 -13.16 -12.37
C ILE A 334 -22.22 -14.04 -12.51
N VAL A 335 -22.09 -15.11 -13.29
CA VAL A 335 -23.21 -16.01 -13.56
C VAL A 335 -23.69 -16.76 -12.32
N LEU A 336 -22.76 -17.13 -11.45
CA LEU A 336 -23.10 -17.89 -10.24
C LEU A 336 -23.89 -17.00 -9.28
N LEU A 337 -23.47 -15.75 -9.15
CA LEU A 337 -24.14 -14.80 -8.27
C LEU A 337 -25.60 -14.61 -8.65
N ALA A 338 -25.90 -14.79 -9.93
CA ALA A 338 -27.26 -14.61 -10.42
C ALA A 338 -28.12 -15.84 -10.16
N LYS A 339 -27.51 -17.02 -10.25
CA LYS A 339 -28.26 -18.26 -10.06
C LYS A 339 -28.71 -18.42 -8.62
N HIS A 340 -27.86 -18.05 -7.68
CA HIS A 340 -28.15 -18.25 -6.26
C HIS A 340 -28.93 -17.08 -5.67
N PHE A 341 -28.92 -15.94 -6.34
CA PHE A 341 -29.70 -14.79 -5.89
C PHE A 341 -31.15 -14.96 -6.28
N LEU A 342 -31.37 -15.62 -7.42
CA LEU A 342 -32.69 -16.02 -7.87
C LEU A 342 -33.36 -16.88 -6.81
N GLN A 343 -32.62 -17.86 -6.29
CA GLN A 343 -33.13 -18.81 -5.30
C GLN A 343 -33.70 -18.12 -4.06
N GLU A 344 -32.87 -17.32 -3.41
CA GLU A 344 -33.25 -16.67 -2.16
C GLU A 344 -34.36 -15.64 -2.38
N TYR A 345 -34.42 -15.09 -3.59
CA TYR A 345 -35.40 -14.07 -3.90
C TYR A 345 -36.70 -14.64 -4.46
N SER A 346 -36.61 -15.72 -5.23
CA SER A 346 -37.81 -16.37 -5.74
C SER A 346 -38.58 -17.03 -4.61
N LYS A 347 -37.86 -17.72 -3.75
CA LYS A 347 -38.45 -18.40 -2.59
C LYS A 347 -39.09 -17.39 -1.65
N GLU A 348 -38.48 -16.20 -1.58
CA GLU A 348 -38.91 -15.16 -0.66
C GLU A 348 -40.26 -14.56 -1.04
N TYR A 349 -40.52 -14.46 -2.33
CA TYR A 349 -41.69 -13.74 -2.81
C TYR A 349 -42.63 -14.60 -3.66
N ASN A 350 -42.35 -15.89 -3.73
CA ASN A 350 -43.19 -16.83 -4.47
C ASN A 350 -43.43 -16.41 -5.92
N ALA A 351 -42.35 -16.29 -6.68
CA ALA A 351 -42.45 -15.96 -8.10
C ALA A 351 -42.38 -17.22 -8.93
N GLN A 352 -43.03 -17.20 -10.09
CA GLN A 352 -43.13 -18.37 -10.94
C GLN A 352 -41.98 -18.46 -11.95
N ALA A 353 -40.79 -18.04 -11.53
CA ALA A 353 -39.59 -18.13 -12.36
C ALA A 353 -38.48 -18.94 -11.68
N ARG A 354 -37.59 -19.52 -12.47
CA ARG A 354 -36.56 -20.40 -11.90
C ARG A 354 -35.26 -20.42 -12.73
N SER A 355 -35.19 -19.61 -13.78
CA SER A 355 -33.99 -19.54 -14.60
C SER A 355 -33.99 -18.34 -15.54
N PHE A 356 -32.79 -17.94 -15.97
CA PHE A 356 -32.65 -16.98 -17.04
C PHE A 356 -32.59 -17.71 -18.37
N SER A 357 -32.80 -16.99 -19.46
CA SER A 357 -32.56 -17.52 -20.78
C SER A 357 -31.06 -17.48 -21.04
N ASP A 358 -30.60 -18.25 -22.02
CA ASP A 358 -29.17 -18.35 -22.32
C ASP A 358 -28.60 -17.01 -22.78
N ASP A 359 -29.43 -16.25 -23.51
CA ASP A 359 -29.05 -14.92 -23.94
C ASP A 359 -28.99 -13.94 -22.78
N ALA A 360 -29.68 -14.26 -21.69
CA ALA A 360 -29.66 -13.42 -20.50
C ALA A 360 -28.39 -13.67 -19.70
N VAL A 361 -27.76 -14.83 -19.93
CA VAL A 361 -26.49 -15.15 -19.30
C VAL A 361 -25.39 -14.22 -19.80
N ARG A 362 -25.29 -14.08 -21.11
CA ARG A 362 -24.28 -13.22 -21.71
C ARG A 362 -24.53 -11.75 -21.41
N GLY A 363 -25.80 -11.38 -21.36
CA GLY A 363 -26.19 -10.00 -21.16
C GLY A 363 -25.83 -9.42 -19.80
N LEU A 364 -25.54 -10.29 -18.84
CA LEU A 364 -25.20 -9.85 -17.50
C LEU A 364 -23.68 -9.77 -17.30
N THR A 365 -22.96 -10.68 -17.93
CA THR A 365 -21.51 -10.71 -17.80
C THR A 365 -20.85 -9.54 -18.52
N ARG A 366 -21.66 -8.75 -19.24
CA ARG A 366 -21.17 -7.60 -19.99
C ARG A 366 -21.36 -6.28 -19.24
N TYR A 367 -22.45 -6.18 -18.48
CA TYR A 367 -22.80 -4.97 -17.74
C TYR A 367 -21.65 -4.46 -16.87
N HIS A 368 -21.55 -3.14 -16.74
CA HIS A 368 -20.48 -2.51 -15.96
C HIS A 368 -20.53 -2.94 -14.49
N TRP A 369 -21.74 -3.12 -13.98
CA TRP A 369 -21.96 -3.41 -12.56
C TRP A 369 -21.25 -2.43 -11.62
N PRO A 370 -21.70 -1.16 -11.60
CA PRO A 370 -21.13 -0.16 -10.69
C PRO A 370 -21.40 -0.51 -9.23
N GLY A 371 -22.60 -1.05 -8.97
CA GLY A 371 -22.97 -1.48 -7.65
C GLY A 371 -22.47 -2.88 -7.35
N ASN A 372 -21.81 -3.47 -8.34
CA ASN A 372 -21.21 -4.80 -8.22
C ASN A 372 -22.23 -5.85 -7.80
N VAL A 373 -21.96 -6.52 -6.68
CA VAL A 373 -22.87 -7.51 -6.15
C VAL A 373 -24.20 -6.87 -5.79
N ARG A 374 -24.14 -5.69 -5.18
CA ARG A 374 -25.34 -4.98 -4.74
C ARG A 374 -26.30 -4.64 -5.89
N GLU A 375 -25.76 -4.16 -7.00
CA GLU A 375 -26.62 -3.81 -8.14
C GLU A 375 -27.20 -5.05 -8.79
N LEU A 376 -26.37 -6.07 -8.99
CA LEU A 376 -26.84 -7.35 -9.48
C LEU A 376 -27.87 -7.93 -8.52
N MET A 377 -27.66 -7.68 -7.23
CA MET A 377 -28.60 -8.11 -6.21
C MET A 377 -29.95 -7.40 -6.35
N ASN A 378 -29.91 -6.07 -6.24
CA ASN A 378 -31.12 -5.25 -6.23
C ASN A 378 -31.93 -5.34 -7.53
N GLN A 379 -31.25 -5.24 -8.67
CA GLN A 379 -31.90 -5.27 -9.97
C GLN A 379 -32.60 -6.61 -10.22
N ILE A 380 -32.00 -7.69 -9.75
CA ILE A 380 -32.59 -9.02 -9.87
C ILE A 380 -33.86 -9.10 -9.05
N LYS A 381 -33.84 -8.49 -7.86
CA LYS A 381 -35.02 -8.45 -7.02
C LYS A 381 -36.16 -7.74 -7.73
N ARG A 382 -35.82 -6.67 -8.44
CA ARG A 382 -36.79 -5.92 -9.23
C ARG A 382 -37.38 -6.79 -10.32
N VAL A 383 -36.53 -7.53 -11.02
CA VAL A 383 -36.96 -8.39 -12.14
C VAL A 383 -37.98 -9.42 -11.70
N VAL A 384 -37.66 -10.13 -10.62
CA VAL A 384 -38.52 -11.16 -10.03
C VAL A 384 -39.96 -10.68 -9.83
N LEU A 385 -40.11 -9.43 -9.38
CA LEU A 385 -41.42 -8.87 -9.11
C LEU A 385 -42.03 -8.20 -10.34
N MET A 386 -41.64 -8.69 -11.52
CA MET A 386 -42.19 -8.18 -12.78
C MET A 386 -42.59 -9.30 -13.75
N SER A 387 -41.68 -10.25 -13.93
CA SER A 387 -41.82 -11.27 -14.96
C SER A 387 -43.02 -12.19 -14.75
N ASP A 388 -43.74 -12.45 -15.83
CA ASP A 388 -44.86 -13.38 -15.82
C ASP A 388 -44.38 -14.77 -16.24
N THR A 389 -43.22 -14.79 -16.89
CA THR A 389 -42.65 -16.03 -17.40
C THR A 389 -41.84 -16.77 -16.36
N VAL A 390 -41.48 -18.01 -16.69
CA VAL A 390 -40.66 -18.84 -15.82
C VAL A 390 -39.19 -18.65 -16.19
N VAL A 391 -38.95 -18.28 -17.44
CA VAL A 391 -37.59 -17.99 -17.90
C VAL A 391 -37.47 -16.50 -18.19
N LEU A 392 -36.39 -15.90 -17.71
CA LEU A 392 -36.21 -14.45 -17.81
C LEU A 392 -35.56 -14.05 -19.13
N ASP A 393 -36.29 -13.28 -19.92
CA ASP A 393 -35.84 -12.87 -21.25
C ASP A 393 -34.81 -11.74 -21.19
N GLU A 394 -34.73 -10.97 -22.27
CA GLU A 394 -33.64 -10.01 -22.46
C GLU A 394 -34.05 -8.54 -22.30
N SER A 395 -35.16 -8.19 -22.93
CA SER A 395 -35.46 -6.80 -23.27
C SER A 395 -35.75 -5.87 -22.09
N GLN A 396 -36.43 -6.39 -21.08
CA GLN A 396 -37.08 -5.53 -20.09
C GLN A 396 -36.13 -4.83 -19.11
N LEU A 397 -35.01 -5.46 -18.79
CA LEU A 397 -34.16 -4.95 -17.71
C LEU A 397 -32.92 -4.20 -18.19
N ASP A 398 -32.93 -3.71 -19.42
CA ASP A 398 -31.74 -3.17 -20.05
C ASP A 398 -31.17 -1.93 -19.35
N LEU A 399 -32.00 -1.22 -18.60
CA LEU A 399 -31.55 -0.05 -17.86
C LEU A 399 -31.18 -0.41 -16.41
N SER B 26 27.66 0.51 16.56
CA SER B 26 26.84 -0.56 17.11
C SER B 26 26.36 -0.23 18.52
N VAL B 27 25.04 -0.04 18.65
CA VAL B 27 24.42 0.29 19.93
C VAL B 27 22.90 0.07 19.80
N PRO B 28 22.46 -1.18 19.93
CA PRO B 28 21.07 -1.54 19.57
C PRO B 28 20.11 -1.81 20.75
N GLY B 29 20.33 -2.92 21.45
CA GLY B 29 19.46 -3.47 22.48
C GLY B 29 18.23 -2.74 22.97
N SER B 30 17.07 -3.38 22.84
CA SER B 30 15.80 -2.84 23.32
C SER B 30 14.79 -3.94 23.61
N LEU B 31 14.25 -3.94 24.82
CA LEU B 31 13.22 -4.91 25.22
C LEU B 31 11.96 -4.18 25.64
N VAL B 32 10.86 -4.92 25.80
CA VAL B 32 9.60 -4.28 26.20
C VAL B 32 8.59 -5.24 26.85
N VAL B 33 8.43 -5.08 28.17
CA VAL B 33 7.43 -5.76 29.01
C VAL B 33 7.84 -5.62 30.48
N VAL B 34 6.90 -5.91 31.39
CA VAL B 34 7.15 -5.91 32.82
C VAL B 34 8.20 -6.97 33.20
N GLY B 35 8.49 -7.86 32.26
CA GLY B 35 9.48 -8.91 32.46
C GLY B 35 10.88 -8.42 32.77
N GLY B 36 11.04 -7.81 33.94
CA GLY B 36 12.36 -7.58 34.49
C GLY B 36 12.81 -8.92 35.01
N THR B 37 11.82 -9.78 35.25
CA THR B 37 12.04 -11.18 35.57
C THR B 37 12.30 -12.00 34.31
N TYR B 38 12.82 -11.35 33.28
CA TYR B 38 13.28 -12.05 32.09
C TYR B 38 14.79 -12.17 32.15
N GLU B 39 15.30 -12.12 33.37
CA GLU B 39 16.65 -12.59 33.69
C GLU B 39 16.90 -14.01 33.15
N PRO B 40 15.87 -14.87 33.12
CA PRO B 40 16.01 -16.14 32.39
C PRO B 40 16.50 -16.07 30.94
N TRP B 41 16.88 -14.91 30.39
CA TRP B 41 17.49 -14.87 29.06
C TRP B 41 18.11 -13.54 28.63
N LEU B 42 17.92 -12.48 29.43
CA LEU B 42 18.38 -11.16 29.03
C LEU B 42 19.91 -10.92 29.09
N PRO B 43 20.55 -11.09 30.26
CA PRO B 43 21.89 -10.53 30.47
C PRO B 43 22.96 -11.06 29.51
N VAL B 44 22.67 -12.16 28.83
CA VAL B 44 23.58 -12.73 27.84
C VAL B 44 23.65 -11.87 26.57
N LEU B 45 22.87 -10.79 26.53
CA LEU B 45 22.79 -9.97 25.33
C LEU B 45 23.69 -8.73 25.40
N GLU B 46 23.98 -8.27 26.61
CA GLU B 46 24.91 -7.15 26.77
C GLU B 46 26.35 -7.67 26.74
N LYS B 47 26.54 -8.89 27.25
CA LYS B 47 27.75 -9.63 26.93
C LYS B 47 27.52 -10.07 25.48
N VAL B 48 28.60 -10.41 24.79
CA VAL B 48 28.67 -10.49 23.32
C VAL B 48 28.80 -9.05 22.77
N GLY B 49 28.18 -8.10 23.46
CA GLY B 49 28.43 -6.69 23.23
C GLY B 49 27.33 -5.88 22.57
N TRP B 50 26.23 -5.70 23.28
CA TRP B 50 25.10 -4.93 22.75
C TRP B 50 24.40 -4.12 23.85
N ARG B 51 24.01 -2.89 23.49
CA ARG B 51 23.50 -1.92 24.46
C ARG B 51 22.01 -2.05 24.72
N CYS B 52 21.64 -2.86 25.71
CA CYS B 52 20.23 -3.16 25.99
C CYS B 52 19.50 -2.01 26.68
N THR B 53 18.19 -1.95 26.48
CA THR B 53 17.33 -0.96 27.13
C THR B 53 15.88 -1.48 27.20
N GLN B 54 15.45 -1.88 28.39
CA GLN B 54 14.11 -2.44 28.54
C GLN B 54 13.05 -1.37 28.78
N VAL B 55 11.88 -1.57 28.16
CA VAL B 55 10.74 -0.67 28.33
C VAL B 55 9.56 -1.43 28.92
N ALA B 56 8.55 -0.70 29.40
CA ALA B 56 7.40 -1.32 30.03
C ALA B 56 6.07 -0.81 29.48
N ASP B 57 5.98 0.50 29.25
CA ASP B 57 4.71 1.12 28.88
C ASP B 57 4.62 1.45 27.40
N LEU B 58 3.73 0.73 26.70
CA LEU B 58 3.50 0.80 25.25
C LEU B 58 3.67 2.16 24.56
N ARG B 59 3.52 3.24 25.32
CA ARG B 59 3.51 4.60 24.76
C ARG B 59 4.92 5.17 24.60
N LYS B 60 5.82 4.76 25.49
CA LYS B 60 7.20 5.26 25.49
C LYS B 60 8.08 4.72 24.34
N PRO B 61 7.95 3.42 23.99
CA PRO B 61 8.77 2.94 22.86
C PRO B 61 8.54 3.71 21.57
N ASP B 62 7.34 4.25 21.36
CA ASP B 62 7.10 5.12 20.22
C ASP B 62 8.11 6.27 20.19
N ALA B 63 8.16 7.02 21.27
CA ALA B 63 9.10 8.13 21.39
C ALA B 63 10.54 7.63 21.47
N LEU B 64 10.71 6.37 21.86
CA LEU B 64 12.03 5.76 21.98
C LEU B 64 12.52 5.22 20.65
N PHE B 65 11.70 4.37 20.02
CA PHE B 65 12.08 3.69 18.78
C PHE B 65 12.26 4.66 17.60
N VAL B 66 11.83 5.90 17.77
CA VAL B 66 12.04 6.92 16.73
C VAL B 66 13.47 7.43 16.77
N GLU B 67 13.96 7.71 17.98
CA GLU B 67 15.29 8.30 18.13
C GLU B 67 16.41 7.26 18.15
N THR B 68 16.11 6.05 18.61
CA THR B 68 17.13 4.99 18.67
C THR B 68 17.47 4.49 17.27
N GLY B 69 16.54 4.65 16.34
CA GLY B 69 16.76 4.25 14.97
C GLY B 69 16.66 2.76 14.75
N PRO B 70 17.51 2.23 13.86
CA PRO B 70 17.51 0.82 13.45
C PRO B 70 18.03 -0.13 14.51
N CYS B 71 17.40 -0.15 15.69
CA CYS B 71 17.76 -1.10 16.72
C CYS B 71 16.97 -2.38 16.53
N ILE B 72 17.41 -3.45 17.19
CA ILE B 72 16.66 -4.70 17.19
C ILE B 72 15.91 -4.84 18.51
N GLY B 73 14.59 -4.87 18.44
CA GLY B 73 13.76 -4.94 19.63
C GLY B 73 13.02 -6.25 19.77
N ILE B 74 13.10 -6.84 20.96
CA ILE B 74 12.36 -8.06 21.26
C ILE B 74 11.06 -7.69 21.97
N VAL B 75 9.94 -8.18 21.42
CA VAL B 75 8.64 -7.91 22.01
C VAL B 75 8.07 -9.15 22.68
N ASP B 76 8.00 -9.12 24.01
CA ASP B 76 7.51 -10.26 24.76
C ASP B 76 6.00 -10.40 24.63
N LEU B 77 5.54 -11.63 24.46
CA LEU B 77 4.11 -11.93 24.44
C LEU B 77 3.80 -13.12 25.35
N SER B 78 4.06 -12.95 26.63
CA SER B 78 3.66 -13.92 27.64
C SER B 78 2.22 -13.66 28.06
N HIS B 79 1.45 -13.09 27.14
CA HIS B 79 0.07 -12.66 27.39
C HIS B 79 -0.03 -11.79 28.64
N ASP B 80 0.94 -10.92 28.85
CA ASP B 80 1.00 -10.12 30.07
C ASP B 80 0.08 -8.90 30.03
N GLU B 81 0.16 -8.10 28.97
CA GLU B 81 -0.49 -6.79 28.99
C GLU B 81 -0.85 -6.19 27.62
N PHE B 82 0.07 -6.32 26.67
CA PHE B 82 0.03 -5.48 25.46
C PHE B 82 -1.06 -5.84 24.46
N SER B 83 -1.95 -4.88 24.20
CA SER B 83 -3.03 -5.05 23.25
C SER B 83 -2.49 -5.23 21.83
N LEU B 84 -2.38 -6.50 21.43
CA LEU B 84 -1.75 -6.91 20.18
C LEU B 84 -2.19 -6.11 18.94
N ASN B 85 -3.37 -5.51 18.99
CA ASN B 85 -3.85 -4.65 17.91
C ASN B 85 -2.94 -3.45 17.73
N GLY B 86 -2.52 -2.87 18.85
CA GLY B 86 -1.60 -1.74 18.85
C GLY B 86 -0.16 -2.16 18.71
N ILE B 87 0.13 -3.42 19.05
CA ILE B 87 1.48 -3.95 18.91
C ILE B 87 1.85 -4.04 17.44
N ALA B 88 0.91 -4.52 16.63
CA ALA B 88 1.11 -4.66 15.19
C ALA B 88 1.25 -3.30 14.52
N ASN B 89 0.70 -2.27 15.17
CA ASN B 89 0.79 -0.91 14.68
C ASN B 89 2.23 -0.43 14.61
N LEU B 90 2.93 -0.52 15.74
CA LEU B 90 4.30 -0.05 15.85
C LEU B 90 5.22 -0.76 14.87
N VAL B 91 4.90 -2.02 14.58
CA VAL B 91 5.65 -2.81 13.62
C VAL B 91 5.61 -2.16 12.23
N SER B 92 4.50 -1.51 11.91
CA SER B 92 4.30 -0.93 10.59
C SER B 92 4.29 0.59 10.59
N SER B 93 4.03 1.18 11.75
CA SER B 93 3.84 2.63 11.86
C SER B 93 5.07 3.42 11.43
N HIS B 94 6.01 3.59 12.35
CA HIS B 94 7.20 4.40 12.09
C HIS B 94 8.48 3.60 12.25
N LYS B 95 8.36 2.28 12.27
CA LYS B 95 9.49 1.43 12.62
C LYS B 95 9.72 0.28 11.62
N GLN B 96 9.50 0.54 10.34
CA GLN B 96 9.73 -0.50 9.34
C GLN B 96 11.21 -0.84 9.24
N VAL B 97 11.95 -0.04 8.48
CA VAL B 97 13.40 -0.15 8.42
C VAL B 97 13.99 0.23 9.77
N ARG B 98 13.25 1.09 10.47
CA ARG B 98 13.70 1.68 11.72
C ARG B 98 13.58 0.71 12.89
N TRP B 99 13.47 -0.59 12.58
CA TRP B 99 13.38 -1.65 13.58
C TRP B 99 13.34 -3.03 12.94
N LEU B 100 14.29 -3.88 13.32
CA LEU B 100 14.28 -5.28 12.91
C LEU B 100 13.49 -6.10 13.94
N ALA B 101 12.32 -6.59 13.53
CA ALA B 101 11.36 -7.19 14.46
C ALA B 101 11.86 -8.46 15.13
N PHE B 102 11.33 -8.72 16.32
CA PHE B 102 11.64 -9.93 17.08
C PHE B 102 10.63 -10.11 18.21
N ILE B 103 10.17 -11.35 18.41
CA ILE B 103 9.13 -11.61 19.41
C ILE B 103 9.51 -12.70 20.41
N ARG B 104 8.89 -12.65 21.59
CA ARG B 104 9.09 -13.63 22.65
C ARG B 104 7.76 -14.07 23.26
N GLU B 105 7.58 -15.37 23.46
CA GLU B 105 6.35 -15.90 24.05
C GLU B 105 6.57 -17.21 24.81
N ALA B 106 5.63 -17.54 25.70
CA ALA B 106 5.70 -18.77 26.48
C ALA B 106 4.86 -19.88 25.86
N GLN B 107 5.25 -20.31 24.66
CA GLN B 107 4.62 -21.44 23.97
C GLN B 107 3.11 -21.26 23.77
N LEU B 108 2.69 -20.07 23.36
CA LEU B 108 1.27 -19.82 23.10
C LEU B 108 0.93 -20.06 21.64
N SER B 109 1.10 -21.30 21.21
CA SER B 109 0.90 -21.64 19.80
C SER B 109 -0.58 -21.77 19.44
N SER B 110 -1.08 -23.00 19.50
CA SER B 110 -2.44 -23.41 19.13
C SER B 110 -3.46 -22.39 18.60
N ASP B 111 -3.42 -21.16 19.09
CA ASP B 111 -4.48 -20.21 18.79
C ASP B 111 -4.11 -19.17 17.73
N THR B 112 -4.58 -17.94 17.93
CA THR B 112 -4.42 -16.87 16.94
C THR B 112 -3.13 -16.10 17.17
N ILE B 113 -2.63 -16.12 18.40
CA ILE B 113 -1.36 -15.49 18.73
C ILE B 113 -0.24 -16.08 17.89
N CYS B 114 -0.35 -17.37 17.58
CA CYS B 114 0.59 -18.04 16.69
C CYS B 114 0.54 -17.41 15.30
N GLN B 115 -0.67 -17.01 14.89
CA GLN B 115 -0.87 -16.42 13.57
C GLN B 115 -0.57 -14.93 13.57
N PHE B 116 -0.44 -14.36 14.77
CA PHE B 116 -0.10 -12.95 14.92
C PHE B 116 1.29 -12.66 14.36
N ILE B 117 2.04 -13.72 14.05
CA ILE B 117 3.35 -13.57 13.42
C ILE B 117 3.17 -13.44 11.90
N VAL B 118 2.16 -12.67 11.51
CA VAL B 118 1.97 -12.28 10.13
C VAL B 118 2.66 -10.93 9.95
N ASN B 119 2.92 -10.27 11.07
CA ASN B 119 3.56 -8.95 11.08
C ASN B 119 5.06 -8.99 10.82
N PHE B 120 5.51 -9.99 10.08
CA PHE B 120 6.91 -10.16 9.72
C PHE B 120 7.83 -10.13 10.95
N CYS B 121 7.67 -11.12 11.83
CA CYS B 121 8.48 -11.18 13.03
C CYS B 121 9.57 -12.24 12.91
N ILE B 122 10.13 -12.34 11.71
CA ILE B 122 11.26 -13.23 11.34
C ILE B 122 11.44 -14.50 12.20
N ASP B 123 11.58 -14.35 13.51
CA ASP B 123 11.86 -15.48 14.39
C ASP B 123 11.04 -15.42 15.67
N PHE B 124 10.74 -16.59 16.20
CA PHE B 124 10.09 -16.68 17.51
C PHE B 124 11.13 -16.85 18.60
N PHE B 125 10.67 -16.90 19.85
CA PHE B 125 11.54 -17.12 21.00
C PHE B 125 10.92 -18.19 21.89
N THR B 126 11.69 -19.24 22.17
CA THR B 126 11.19 -20.34 23.00
C THR B 126 11.09 -19.94 24.46
N ALA B 127 11.56 -20.81 25.35
CA ALA B 127 11.62 -20.49 26.77
C ALA B 127 12.81 -21.19 27.46
N PRO B 128 12.99 -22.50 27.23
CA PRO B 128 14.24 -23.05 27.77
C PRO B 128 15.43 -22.61 26.94
N ILE B 129 16.00 -21.47 27.30
CA ILE B 129 17.10 -20.80 26.61
C ILE B 129 18.01 -21.68 25.78
N PRO B 130 17.78 -21.73 24.47
CA PRO B 130 18.73 -22.41 23.59
C PRO B 130 19.95 -21.52 23.37
N ASP B 131 20.66 -21.21 24.46
CA ASP B 131 21.72 -20.19 24.48
C ASP B 131 22.66 -20.18 23.27
N ALA B 132 23.43 -21.26 23.12
CA ALA B 132 24.39 -21.37 22.03
C ALA B 132 23.69 -21.39 20.68
N GLN B 133 22.38 -21.66 20.69
CA GLN B 133 21.57 -21.67 19.49
C GLN B 133 20.78 -20.37 19.37
N LEU B 134 20.54 -19.74 20.52
CA LEU B 134 19.74 -18.52 20.60
C LEU B 134 20.24 -17.43 19.66
N LEU B 135 21.55 -17.17 19.72
CA LEU B 135 22.14 -16.09 18.93
C LEU B 135 21.99 -16.36 17.44
N SER B 136 22.00 -17.64 17.06
CA SER B 136 21.80 -18.02 15.67
C SER B 136 20.47 -17.48 15.12
N THR B 137 19.52 -17.25 16.02
CA THR B 137 18.28 -16.60 15.66
C THR B 137 18.48 -15.09 15.56
N ILE B 138 19.02 -14.50 16.61
CA ILE B 138 19.27 -13.06 16.68
C ILE B 138 20.50 -12.64 15.89
N GLY B 139 21.65 -13.21 16.24
CA GLY B 139 22.93 -12.80 15.68
C GLY B 139 23.10 -12.91 14.18
N HIS B 140 22.14 -13.57 13.53
CA HIS B 140 22.13 -13.66 12.07
C HIS B 140 21.60 -12.35 11.48
N GLN B 141 21.36 -11.37 12.35
CA GLN B 141 20.79 -10.10 11.93
C GLN B 141 21.81 -8.98 12.05
N LEU B 142 23.00 -9.30 12.53
CA LEU B 142 24.08 -8.32 12.59
C LEU B 142 24.38 -7.79 11.21
N GLY B 143 24.94 -8.66 10.35
CA GLY B 143 25.35 -8.29 9.01
C GLY B 143 24.22 -7.68 8.20
N MET B 144 22.99 -8.03 8.56
CA MET B 144 21.84 -7.40 7.95
C MET B 144 21.59 -6.02 8.55
N LEU B 145 21.56 -5.93 9.88
CA LEU B 145 21.31 -4.65 10.53
C LEU B 145 22.48 -3.71 10.32
N LYS B 146 23.68 -4.27 10.29
CA LYS B 146 24.90 -3.49 10.05
C LYS B 146 24.82 -2.79 8.70
N LEU B 147 24.00 -3.32 7.80
CA LEU B 147 23.72 -2.67 6.53
C LEU B 147 22.76 -1.50 6.73
N GLU B 148 21.66 -1.74 7.43
CA GLU B 148 20.60 -0.74 7.61
C GLU B 148 21.12 0.59 8.15
N LYS B 149 22.21 0.53 8.91
CA LYS B 149 22.81 1.70 9.49
C LYS B 149 23.61 2.49 8.46
N LYS B 150 23.98 1.81 7.37
CA LYS B 150 24.80 2.43 6.32
C LYS B 150 23.98 3.38 5.45
N VAL B 151 22.77 2.97 5.08
CA VAL B 151 21.93 3.76 4.19
C VAL B 151 20.78 4.47 4.91
N TRP B 152 21.06 4.98 6.09
CA TRP B 152 20.02 5.62 6.90
C TRP B 152 19.92 7.15 6.72
N PRO B 153 21.04 7.88 6.77
CA PRO B 153 20.88 9.33 6.64
C PRO B 153 20.63 9.81 5.19
N HIS B 154 19.60 9.25 4.56
CA HIS B 154 19.23 9.65 3.20
C HIS B 154 18.29 10.86 3.22
N PHE B 155 18.15 11.46 4.40
CA PHE B 155 17.43 12.71 4.53
C PHE B 155 18.09 13.74 3.63
N GLY B 156 19.26 14.23 4.06
CA GLY B 156 20.09 15.11 3.25
C GLY B 156 19.46 16.40 2.76
N SER B 157 20.30 17.28 2.23
CA SER B 157 19.84 18.54 1.63
C SER B 157 18.92 19.38 2.51
N ALA B 158 18.84 19.02 3.80
CA ALA B 158 17.89 19.61 4.74
C ALA B 158 16.46 19.56 4.19
N GLY B 159 16.20 18.58 3.33
CA GLY B 159 14.97 18.53 2.57
C GLY B 159 14.98 19.63 1.53
N ASN B 160 14.91 19.25 0.26
CA ASN B 160 15.01 20.19 -0.87
C ASN B 160 14.04 21.38 -0.78
N MET B 161 14.08 22.11 0.33
CA MET B 161 13.19 23.23 0.60
C MET B 161 11.73 22.91 0.34
N GLY B 162 11.40 21.62 0.29
CA GLY B 162 10.09 21.18 -0.11
C GLY B 162 9.86 21.33 -1.61
N LEU B 163 10.87 21.88 -2.29
CA LEU B 163 10.85 22.20 -3.72
C LEU B 163 9.82 23.28 -4.05
N ILE B 164 8.66 23.24 -3.38
CA ILE B 164 7.66 24.29 -3.54
C ILE B 164 7.28 24.87 -2.17
N GLY B 165 5.99 24.89 -1.85
CA GLY B 165 5.50 25.62 -0.70
C GLY B 165 5.62 24.91 0.64
N GLU B 166 4.87 25.41 1.62
CA GLU B 166 4.92 24.85 2.97
C GLU B 166 3.69 25.21 3.80
N SER B 167 2.57 24.55 3.52
CA SER B 167 1.36 24.71 4.32
C SER B 167 1.11 23.45 5.15
N MET B 168 -0.17 23.14 5.40
CA MET B 168 -0.52 21.87 6.01
C MET B 168 -0.60 20.74 4.97
N PRO B 169 -1.37 20.92 3.87
CA PRO B 169 -1.44 19.81 2.92
C PRO B 169 -0.15 19.61 2.12
N MET B 170 0.74 20.59 2.18
CA MET B 170 2.02 20.50 1.47
C MET B 170 3.07 19.86 2.37
N LYS B 171 2.96 20.10 3.67
CA LYS B 171 3.84 19.47 4.65
C LYS B 171 3.69 17.94 4.58
N ARG B 172 2.51 17.50 4.18
CA ARG B 172 2.23 16.07 4.02
C ARG B 172 3.08 15.46 2.92
N LEU B 173 3.25 16.21 1.83
CA LEU B 173 3.87 15.68 0.62
C LEU B 173 5.34 15.35 0.80
N ARG B 174 6.07 16.18 1.55
CA ARG B 174 7.49 15.99 1.75
C ARG B 174 7.78 14.61 2.35
N ASP B 175 7.06 14.27 3.42
CA ASP B 175 7.27 13.00 4.12
C ASP B 175 6.98 11.80 3.23
N GLN B 176 5.84 11.85 2.54
CA GLN B 176 5.45 10.74 1.68
C GLN B 176 6.41 10.61 0.50
N ILE B 177 6.91 11.73 0.01
CA ILE B 177 7.88 11.74 -1.07
C ILE B 177 9.19 11.07 -0.64
N LYS B 178 9.64 11.41 0.56
CA LYS B 178 10.89 10.89 1.13
C LYS B 178 10.80 9.40 1.45
N ARG B 179 9.57 8.93 1.72
CA ARG B 179 9.33 7.54 2.07
C ARG B 179 9.29 6.66 0.83
N ILE B 180 8.44 7.04 -0.13
CA ILE B 180 8.27 6.27 -1.36
C ILE B 180 9.42 6.51 -2.33
N GLY B 181 10.32 7.42 -1.96
CA GLY B 181 11.48 7.74 -2.76
C GLY B 181 12.44 6.58 -3.00
N PRO B 182 13.11 6.10 -1.94
CA PRO B 182 14.09 5.01 -2.03
C PRO B 182 13.56 3.76 -2.71
N THR B 183 12.38 3.31 -2.31
CA THR B 183 11.75 2.14 -2.93
C THR B 183 11.64 2.33 -4.44
N ASP B 184 12.54 1.70 -5.17
CA ASP B 184 12.69 1.90 -6.61
C ASP B 184 11.48 1.44 -7.44
N VAL B 185 10.32 1.30 -6.79
CA VAL B 185 9.10 0.90 -7.48
C VAL B 185 8.54 2.02 -8.33
N SER B 186 7.63 1.67 -9.23
CA SER B 186 6.92 2.67 -10.03
C SER B 186 5.89 3.38 -9.17
N ILE B 187 5.68 4.67 -9.41
CA ILE B 187 4.77 5.47 -8.60
C ILE B 187 3.83 6.33 -9.44
N LEU B 188 2.53 6.22 -9.19
CA LEU B 188 1.53 6.99 -9.92
C LEU B 188 1.35 8.38 -9.30
N ILE B 189 1.59 9.42 -10.09
CA ILE B 189 1.51 10.79 -9.61
C ILE B 189 0.30 11.51 -10.21
N TYR B 190 -0.77 11.62 -9.44
CA TYR B 190 -2.00 12.25 -9.96
C TYR B 190 -2.37 13.51 -9.20
N GLY B 191 -3.03 14.43 -9.90
CA GLY B 191 -3.47 15.69 -9.31
C GLY B 191 -4.36 16.44 -10.28
N GLU B 192 -4.39 17.76 -10.15
CA GLU B 192 -5.19 18.58 -11.04
C GLU B 192 -4.40 18.94 -12.30
N SER B 193 -4.88 19.93 -13.05
CA SER B 193 -4.33 20.28 -14.35
C SER B 193 -2.87 20.73 -14.29
N GLY B 194 -2.61 21.79 -13.52
CA GLY B 194 -1.27 22.36 -13.43
C GLY B 194 -0.68 22.28 -12.03
N THR B 195 -0.85 21.14 -11.39
CA THR B 195 -0.38 20.96 -10.03
C THR B 195 1.13 20.78 -9.96
N GLY B 196 1.73 20.40 -11.08
CA GLY B 196 3.15 20.14 -11.12
C GLY B 196 3.44 18.70 -10.75
N LYS B 197 2.95 17.78 -11.56
CA LYS B 197 3.17 16.36 -11.34
C LYS B 197 4.65 16.02 -11.55
N GLU B 198 5.22 16.59 -12.60
CA GLU B 198 6.63 16.37 -12.91
C GLU B 198 7.53 17.00 -11.86
N THR B 199 7.03 18.05 -11.23
CA THR B 199 7.74 18.72 -10.14
C THR B 199 7.99 17.73 -8.99
N VAL B 200 7.07 16.79 -8.81
CA VAL B 200 7.22 15.75 -7.79
C VAL B 200 8.14 14.64 -8.27
N ALA B 201 8.05 14.33 -9.56
CA ALA B 201 8.86 13.28 -10.16
C ALA B 201 10.35 13.58 -10.04
N LYS B 202 10.70 14.85 -10.15
CA LYS B 202 12.09 15.27 -10.02
C LYS B 202 12.58 15.13 -8.59
N ALA B 203 11.65 15.10 -7.63
CA ALA B 203 12.00 15.10 -6.22
C ALA B 203 12.46 13.73 -5.72
N ILE B 204 11.65 12.69 -5.94
CA ILE B 204 12.03 11.35 -5.48
C ILE B 204 13.21 10.84 -6.29
N HIS B 205 13.47 11.49 -7.42
CA HIS B 205 14.65 11.23 -8.24
C HIS B 205 15.89 11.66 -7.46
N LYS B 206 15.74 12.72 -6.67
CA LYS B 206 16.85 13.25 -5.87
C LYS B 206 16.95 12.54 -4.52
N THR B 207 15.89 11.83 -4.14
CA THR B 207 15.92 11.02 -2.93
C THR B 207 16.09 9.55 -3.27
N SER B 208 16.28 9.26 -4.55
CA SER B 208 16.50 7.90 -5.02
C SER B 208 17.90 7.39 -4.67
N SER B 209 18.14 6.13 -4.95
CA SER B 209 19.48 5.55 -4.81
C SER B 209 20.25 5.77 -6.10
N ARG B 210 19.54 5.63 -7.23
CA ARG B 210 20.07 5.99 -8.53
C ARG B 210 20.47 7.47 -8.52
N ALA B 211 19.54 8.29 -8.04
CA ALA B 211 19.79 9.70 -7.75
C ALA B 211 20.36 10.49 -8.93
N GLN B 212 21.69 10.54 -9.01
CA GLN B 212 22.38 11.36 -9.99
C GLN B 212 22.12 10.93 -11.43
N LYS B 213 21.73 9.67 -11.60
CA LYS B 213 21.46 9.10 -12.93
C LYS B 213 20.39 9.90 -13.69
N PRO B 214 20.38 9.80 -15.03
CA PRO B 214 19.50 10.61 -15.88
C PRO B 214 18.01 10.63 -15.49
N PHE B 215 17.41 11.82 -15.48
CA PHE B 215 15.97 11.97 -15.30
C PHE B 215 15.33 12.39 -16.60
N ILE B 216 14.38 11.59 -17.09
CA ILE B 216 13.74 11.88 -18.37
C ILE B 216 12.23 11.95 -18.24
N SER B 217 11.64 13.01 -18.79
CA SER B 217 10.20 13.18 -18.77
C SER B 217 9.65 13.14 -20.19
N VAL B 218 8.44 12.61 -20.33
CA VAL B 218 7.81 12.51 -21.65
C VAL B 218 6.44 13.14 -21.66
N ASN B 219 6.31 14.26 -22.37
CA ASN B 219 5.01 14.87 -22.61
C ASN B 219 4.42 14.27 -23.88
N CYS B 220 3.09 14.19 -23.96
CA CYS B 220 2.46 13.49 -25.07
C CYS B 220 1.15 14.09 -25.56
N ARG B 221 1.03 15.42 -25.51
CA ARG B 221 -0.18 16.09 -25.97
C ARG B 221 -0.41 15.87 -27.46
N ALA B 222 0.68 15.76 -28.22
CA ALA B 222 0.61 15.52 -29.66
C ALA B 222 1.77 14.65 -30.14
N MET B 223 2.11 13.64 -29.34
CA MET B 223 3.24 12.77 -29.64
C MET B 223 2.97 11.83 -30.82
N SER B 224 1.69 11.54 -31.06
CA SER B 224 1.27 10.63 -32.11
C SER B 224 1.88 9.24 -31.91
N GLU B 225 1.74 8.39 -32.92
CA GLU B 225 2.28 7.05 -32.84
C GLU B 225 3.59 6.96 -33.61
N LYS B 226 3.91 8.03 -34.32
CA LYS B 226 5.11 8.07 -35.14
C LYS B 226 6.38 8.10 -34.28
N ARG B 227 6.55 9.17 -33.51
CA ARG B 227 7.79 9.39 -32.78
C ARG B 227 7.92 8.53 -31.53
N LEU B 228 6.80 8.22 -30.89
CA LEU B 228 6.82 7.45 -29.65
C LEU B 228 7.25 6.00 -29.89
N GLU B 229 6.83 5.44 -31.01
CA GLU B 229 7.23 4.08 -31.35
C GLU B 229 8.63 4.09 -31.94
N SER B 230 9.05 5.27 -32.40
CA SER B 230 10.42 5.44 -32.88
C SER B 230 11.38 5.53 -31.68
N GLU B 231 10.84 5.84 -30.52
CA GLU B 231 11.63 5.87 -29.28
C GLU B 231 12.14 4.48 -28.94
N LEU B 232 11.21 3.55 -28.73
CA LEU B 232 11.55 2.16 -28.46
C LEU B 232 12.26 1.58 -29.68
N PHE B 233 11.50 0.96 -30.58
CA PHE B 233 12.09 0.47 -31.83
C PHE B 233 11.72 1.40 -33.00
N GLY B 234 10.79 0.96 -33.84
CA GLY B 234 10.37 1.75 -34.98
C GLY B 234 11.51 1.96 -35.96
N LEU B 235 11.58 3.15 -36.55
CA LEU B 235 12.66 3.48 -37.47
C LEU B 235 13.94 3.83 -36.71
N GLY B 236 14.56 4.95 -37.08
CA GLY B 236 15.77 5.40 -36.42
C GLY B 236 16.87 4.37 -36.44
N GLU B 237 17.57 4.28 -37.57
CA GLU B 237 18.57 3.23 -37.79
C GLU B 237 19.99 3.77 -37.98
N THR B 238 20.41 4.69 -37.13
CA THR B 238 21.74 5.28 -37.26
C THR B 238 22.73 4.67 -36.28
N GLU B 239 23.63 5.51 -35.77
CA GLU B 239 24.63 5.07 -34.81
C GLU B 239 24.67 6.04 -33.63
N GLU B 240 23.71 6.96 -33.61
CA GLU B 240 23.57 7.96 -32.55
C GLU B 240 22.22 8.66 -32.72
N GLY B 241 21.42 8.16 -33.66
CA GLY B 241 20.12 8.73 -33.96
C GLY B 241 19.19 8.85 -32.76
N GLN B 242 19.24 10.00 -32.12
CA GLN B 242 18.40 10.33 -30.97
C GLN B 242 18.67 9.44 -29.76
N GLN B 243 18.77 8.14 -29.99
CA GLN B 243 18.94 7.12 -28.95
C GLN B 243 17.74 7.09 -28.02
N PRO B 244 17.03 5.95 -27.97
CA PRO B 244 15.78 5.72 -27.23
C PRO B 244 15.69 6.47 -25.90
N PHE B 245 14.55 7.09 -25.65
CA PHE B 245 14.31 7.79 -24.38
C PHE B 245 14.56 6.84 -23.21
N LEU B 246 14.36 5.54 -23.45
CA LEU B 246 14.65 4.51 -22.46
C LEU B 246 16.16 4.39 -22.23
N LEU B 247 16.91 4.21 -23.32
CA LEU B 247 18.36 4.00 -23.24
C LEU B 247 19.09 5.15 -22.58
N GLN B 248 18.59 6.38 -22.78
CA GLN B 248 19.18 7.54 -22.14
C GLN B 248 18.79 7.57 -20.66
N ALA B 249 17.64 7.00 -20.36
CA ALA B 249 17.16 6.92 -18.98
C ALA B 249 17.69 5.68 -18.27
N ASP B 250 18.72 5.06 -18.87
CA ASP B 250 19.32 3.86 -18.30
C ASP B 250 19.95 4.15 -16.93
N GLY B 251 19.46 3.44 -15.92
CA GLY B 251 19.96 3.61 -14.56
C GLY B 251 19.28 4.75 -13.84
N GLY B 252 18.51 5.55 -14.57
CA GLY B 252 17.87 6.72 -14.00
C GLY B 252 16.37 6.58 -13.75
N THR B 253 15.62 7.57 -14.20
CA THR B 253 14.17 7.60 -13.98
C THR B 253 13.44 8.20 -15.18
N LEU B 254 12.39 7.54 -15.65
CA LEU B 254 11.60 8.05 -16.75
C LEU B 254 10.16 8.30 -16.33
N LEU B 255 9.63 9.47 -16.71
CA LEU B 255 8.24 9.81 -16.42
C LEU B 255 7.43 9.95 -17.71
N LEU B 256 6.18 9.49 -17.68
CA LEU B 256 5.28 9.64 -18.81
C LEU B 256 4.06 10.45 -18.40
N ASN B 257 4.11 11.75 -18.65
CA ASN B 257 3.01 12.65 -18.35
C ASN B 257 1.78 12.29 -19.18
N ASP B 258 0.59 12.46 -18.60
CA ASP B 258 -0.66 12.10 -19.27
C ASP B 258 -0.63 10.64 -19.73
N ILE B 259 -0.17 9.77 -18.83
CA ILE B 259 0.11 8.37 -19.13
C ILE B 259 -1.11 7.61 -19.66
N LEU B 260 -2.30 8.04 -19.26
CA LEU B 260 -3.52 7.29 -19.55
C LEU B 260 -3.98 7.44 -21.00
N THR B 261 -3.42 8.42 -21.71
CA THR B 261 -3.83 8.68 -23.09
C THR B 261 -3.05 7.85 -24.09
N LEU B 262 -2.09 7.06 -23.59
CA LEU B 262 -1.30 6.17 -24.44
C LEU B 262 -2.20 5.20 -25.20
N PRO B 263 -1.95 5.04 -26.51
CA PRO B 263 -2.66 4.02 -27.29
C PRO B 263 -2.23 2.63 -26.84
N LYS B 264 -3.09 1.64 -27.06
CA LYS B 264 -2.85 0.26 -26.65
C LYS B 264 -1.47 -0.25 -27.03
N SER B 265 -1.13 -0.11 -28.32
CA SER B 265 0.14 -0.60 -28.86
C SER B 265 1.37 0.01 -28.20
N GLN B 266 1.16 1.08 -27.43
CA GLN B 266 2.25 1.70 -26.68
C GLN B 266 2.13 1.38 -25.20
N GLN B 267 0.89 1.17 -24.75
CA GLN B 267 0.64 0.62 -23.43
C GLN B 267 1.25 -0.77 -23.37
N LEU B 268 1.11 -1.51 -24.47
CA LEU B 268 1.72 -2.82 -24.63
C LEU B 268 3.24 -2.71 -24.52
N ASN B 269 3.81 -1.78 -25.28
CA ASN B 269 5.24 -1.51 -25.25
C ASN B 269 5.73 -1.15 -23.85
N LEU B 270 4.91 -0.42 -23.11
CA LEU B 270 5.23 -0.10 -21.72
C LEU B 270 5.14 -1.37 -20.88
N LEU B 271 4.10 -2.15 -21.12
CA LEU B 271 3.89 -3.40 -20.39
C LEU B 271 4.91 -4.45 -20.82
N ARG B 272 5.28 -4.43 -22.10
CA ARG B 272 6.30 -5.32 -22.63
C ARG B 272 7.63 -5.07 -21.93
N PHE B 273 7.99 -3.80 -21.82
CA PHE B 273 9.23 -3.40 -21.16
C PHE B 273 9.17 -3.63 -19.66
N LEU B 274 7.97 -3.49 -19.08
CA LEU B 274 7.82 -3.65 -17.64
C LEU B 274 7.87 -5.12 -17.25
N GLN B 275 7.64 -6.01 -18.21
CA GLN B 275 7.68 -7.44 -17.95
C GLN B 275 8.95 -8.09 -18.49
N GLU B 276 9.61 -7.43 -19.42
CA GLU B 276 10.81 -7.98 -20.05
C GLU B 276 12.02 -7.06 -19.90
N GLY B 277 11.86 -5.82 -20.35
CA GLY B 277 12.91 -4.81 -20.20
C GLY B 277 13.80 -4.65 -21.41
N THR B 278 13.22 -4.63 -22.60
CA THR B 278 14.00 -4.56 -23.82
C THR B 278 13.59 -3.41 -24.74
N VAL B 279 14.52 -2.97 -25.57
CA VAL B 279 14.29 -1.91 -26.56
C VAL B 279 15.36 -2.02 -27.66
N GLU B 280 14.92 -2.14 -28.90
CA GLU B 280 15.80 -2.51 -30.01
C GLU B 280 16.46 -1.31 -30.71
N THR B 281 17.76 -1.42 -30.93
CA THR B 281 18.51 -0.46 -31.74
C THR B 281 19.37 -1.19 -32.77
N ARG B 282 19.28 -0.78 -34.03
CA ARG B 282 20.00 -1.45 -35.11
C ARG B 282 21.52 -1.42 -34.91
N GLN B 283 21.97 -0.59 -33.97
CA GLN B 283 23.38 -0.56 -33.59
C GLN B 283 23.64 -1.53 -32.45
N GLY B 284 22.67 -2.38 -32.17
CA GLY B 284 22.80 -3.35 -31.10
C GLY B 284 21.77 -3.15 -30.00
N VAL B 285 20.84 -4.08 -29.91
CA VAL B 285 19.77 -4.01 -28.91
C VAL B 285 20.34 -4.08 -27.50
N ARG B 286 19.83 -3.24 -26.60
CA ARG B 286 20.28 -3.20 -25.22
C ARG B 286 19.12 -3.29 -24.24
N ALA B 287 19.41 -3.69 -23.01
CA ALA B 287 18.42 -3.68 -21.94
C ALA B 287 18.78 -2.58 -20.94
N VAL B 288 17.76 -1.99 -20.32
CA VAL B 288 18.01 -0.85 -19.44
C VAL B 288 17.32 -0.97 -18.09
N ASP B 289 17.69 -0.07 -17.19
CA ASP B 289 17.20 -0.09 -15.82
C ASP B 289 16.41 1.19 -15.52
N VAL B 290 15.10 1.12 -15.74
CA VAL B 290 14.26 2.30 -15.72
C VAL B 290 13.13 2.26 -14.68
N ARG B 291 13.17 3.19 -13.73
CA ARG B 291 12.10 3.36 -12.76
C ARG B 291 10.97 4.15 -13.39
N ILE B 292 10.01 3.44 -13.97
CA ILE B 292 8.96 4.06 -14.77
C ILE B 292 7.84 4.67 -13.92
N LEU B 293 7.91 5.98 -13.72
CA LEU B 293 6.87 6.71 -13.00
C LEU B 293 5.82 7.24 -13.99
N ALA B 294 4.66 7.62 -13.49
CA ALA B 294 3.59 8.11 -14.36
C ALA B 294 2.90 9.34 -13.77
N ALA B 295 2.29 10.12 -14.64
CA ALA B 295 1.56 11.32 -14.23
C ALA B 295 0.18 11.37 -14.86
N ASN B 296 -0.83 11.61 -14.04
CA ASN B 296 -2.21 11.62 -14.52
C ASN B 296 -3.00 12.81 -13.96
N SER B 297 -3.95 13.29 -14.75
CA SER B 297 -4.79 14.41 -14.34
C SER B 297 -6.27 14.02 -14.38
N SER B 298 -6.74 13.62 -15.57
CA SER B 298 -8.13 13.24 -15.75
C SER B 298 -8.51 12.03 -14.90
N ASP B 299 -9.81 11.89 -14.64
CA ASP B 299 -10.31 10.79 -13.81
C ASP B 299 -10.00 9.44 -14.44
N ILE B 300 -9.10 8.69 -13.81
CA ILE B 300 -8.66 7.40 -14.32
C ILE B 300 -9.79 6.39 -14.41
N GLU B 301 -10.62 6.32 -13.36
CA GLU B 301 -11.64 5.29 -13.23
C GLU B 301 -12.66 5.31 -14.37
N LYS B 302 -13.01 6.52 -14.80
CA LYS B 302 -13.97 6.70 -15.89
C LYS B 302 -13.45 6.06 -17.18
N ALA B 303 -12.14 5.97 -17.30
CA ALA B 303 -11.52 5.42 -18.52
C ALA B 303 -11.18 3.94 -18.40
N LEU B 304 -11.17 3.42 -17.18
CA LEU B 304 -10.90 2.01 -16.94
C LEU B 304 -12.04 1.15 -17.47
N ILE B 305 -13.26 1.50 -17.05
CA ILE B 305 -14.47 0.82 -17.51
C ILE B 305 -14.58 0.86 -19.03
N ASP B 306 -14.14 1.97 -19.62
CA ASP B 306 -14.17 2.14 -21.07
C ASP B 306 -13.30 1.12 -21.80
N GLY B 307 -12.45 0.42 -21.05
CA GLY B 307 -11.58 -0.59 -21.61
C GLY B 307 -10.44 0.02 -22.40
N ASP B 308 -10.27 1.33 -22.28
CA ASP B 308 -9.24 2.05 -23.01
C ASP B 308 -7.84 1.71 -22.46
N PHE B 309 -7.72 1.70 -21.14
CA PHE B 309 -6.44 1.43 -20.51
C PHE B 309 -6.43 0.04 -19.90
N ASN B 310 -5.40 -0.74 -20.23
CA ASN B 310 -5.27 -2.10 -19.72
C ASN B 310 -4.99 -2.10 -18.22
N GLU B 311 -5.64 -3.01 -17.50
CA GLU B 311 -5.57 -3.03 -16.05
C GLU B 311 -4.29 -3.68 -15.53
N GLU B 312 -3.77 -4.64 -16.30
CA GLU B 312 -2.52 -5.29 -15.94
C GLU B 312 -1.38 -4.27 -15.91
N LEU B 313 -1.42 -3.32 -16.83
CA LEU B 313 -0.41 -2.26 -16.88
C LEU B 313 -0.62 -1.27 -15.74
N TYR B 314 -1.88 -1.02 -15.42
CA TYR B 314 -2.27 -0.10 -14.34
C TYR B 314 -1.72 -0.57 -13.00
N HIS B 315 -1.69 -1.89 -12.81
CA HIS B 315 -1.15 -2.50 -11.60
C HIS B 315 0.31 -2.09 -11.38
N TYR B 316 1.15 -2.44 -12.35
CA TYR B 316 2.57 -2.11 -12.32
C TYR B 316 2.83 -0.63 -12.07
N ILE B 317 1.95 0.23 -12.57
CA ILE B 317 2.10 1.67 -12.43
C ILE B 317 1.54 2.15 -11.09
N ASN B 318 0.35 1.68 -10.74
CA ASN B 318 -0.26 2.05 -9.48
C ASN B 318 0.25 1.19 -8.32
N VAL B 319 1.55 0.91 -8.32
CA VAL B 319 2.18 0.25 -7.19
C VAL B 319 2.16 1.22 -6.00
N LEU B 320 2.39 2.49 -6.30
CA LEU B 320 2.33 3.53 -5.28
C LEU B 320 1.62 4.77 -5.81
N ARG B 321 0.67 5.27 -5.03
CA ARG B 321 -0.07 6.48 -5.39
C ARG B 321 0.46 7.68 -4.62
N ILE B 322 0.57 8.83 -5.27
CA ILE B 322 0.96 10.06 -4.60
C ILE B 322 0.11 11.23 -5.12
N ASN B 323 -0.72 11.78 -4.24
CA ASN B 323 -1.69 12.79 -4.66
C ASN B 323 -1.17 14.21 -4.50
N VAL B 324 -1.33 15.00 -5.56
CA VAL B 324 -0.96 16.40 -5.54
C VAL B 324 -2.20 17.24 -5.26
N PRO B 325 -2.14 18.07 -4.21
CA PRO B 325 -3.31 18.80 -3.71
C PRO B 325 -3.69 20.00 -4.57
N SER B 326 -4.97 20.40 -4.48
CA SER B 326 -5.46 21.58 -5.17
C SER B 326 -5.10 22.82 -4.38
N LEU B 327 -5.29 23.99 -4.96
CA LEU B 327 -4.97 25.24 -4.27
C LEU B 327 -6.05 25.58 -3.24
N LYS B 328 -7.27 25.10 -3.50
CA LYS B 328 -8.42 25.40 -2.64
C LYS B 328 -8.16 25.07 -1.18
N GLU B 329 -7.41 24.00 -0.95
CA GLU B 329 -7.22 23.46 0.39
C GLU B 329 -5.95 23.98 1.05
N ARG B 330 -4.91 24.26 0.26
CA ARG B 330 -3.73 24.92 0.78
C ARG B 330 -3.66 26.36 0.25
N ALA B 331 -4.74 27.10 0.48
CA ALA B 331 -4.81 28.51 0.11
C ALA B 331 -3.85 29.35 0.96
N SER B 332 -3.31 28.74 2.01
CA SER B 332 -2.35 29.42 2.87
C SER B 332 -0.94 29.37 2.29
N ASP B 333 -0.84 28.97 1.03
CA ASP B 333 0.44 28.89 0.33
C ASP B 333 0.46 29.79 -0.91
N ILE B 334 -0.74 30.20 -1.34
CA ILE B 334 -0.88 31.06 -2.51
C ILE B 334 -0.12 32.39 -2.32
N VAL B 335 -0.07 32.85 -1.07
CA VAL B 335 0.62 34.10 -0.75
C VAL B 335 2.14 33.93 -0.83
N LEU B 336 2.59 32.69 -0.80
CA LEU B 336 4.02 32.40 -0.77
C LEU B 336 4.56 32.14 -2.18
N LEU B 337 3.76 31.49 -3.00
CA LEU B 337 4.17 31.14 -4.36
C LEU B 337 4.47 32.38 -5.18
N ALA B 338 3.61 33.39 -5.09
CA ALA B 338 3.80 34.64 -5.80
C ALA B 338 5.04 35.38 -5.31
N LYS B 339 5.28 35.30 -4.01
CA LYS B 339 6.41 35.98 -3.39
C LYS B 339 7.74 35.45 -3.95
N HIS B 340 7.78 34.14 -4.23
CA HIS B 340 8.98 33.53 -4.79
C HIS B 340 8.99 33.60 -6.31
N PHE B 341 7.81 33.64 -6.91
CA PHE B 341 7.70 33.74 -8.37
C PHE B 341 7.99 35.16 -8.81
N LEU B 342 7.77 36.12 -7.92
CA LEU B 342 8.18 37.49 -8.16
C LEU B 342 9.68 37.61 -7.99
N GLN B 343 10.20 37.02 -6.92
CA GLN B 343 11.62 37.08 -6.60
C GLN B 343 12.49 36.49 -7.70
N GLU B 344 12.04 35.38 -8.29
CA GLU B 344 12.81 34.73 -9.34
C GLU B 344 12.68 35.47 -10.68
N TYR B 345 11.52 36.06 -10.92
CA TYR B 345 11.27 36.77 -12.18
C TYR B 345 11.84 38.19 -12.17
N SER B 346 11.71 38.87 -11.03
CA SER B 346 12.17 40.25 -10.91
C SER B 346 13.67 40.37 -11.13
N LYS B 347 14.43 39.44 -10.57
CA LYS B 347 15.88 39.42 -10.78
C LYS B 347 16.20 39.00 -12.20
N GLU B 348 15.32 38.20 -12.78
CA GLU B 348 15.55 37.61 -14.10
C GLU B 348 15.45 38.64 -15.23
N TYR B 349 14.44 39.50 -15.13
CA TYR B 349 14.18 40.48 -16.20
C TYR B 349 14.45 41.90 -15.75
N ASN B 350 15.09 42.03 -14.59
CA ASN B 350 15.43 43.33 -14.02
C ASN B 350 14.23 44.27 -13.89
N ALA B 351 13.12 43.73 -13.38
CA ALA B 351 11.91 44.52 -13.17
C ALA B 351 12.03 45.39 -11.93
N GLN B 352 11.27 46.48 -11.89
CA GLN B 352 11.30 47.37 -10.73
C GLN B 352 10.34 46.87 -9.65
N ALA B 353 9.61 45.81 -9.97
CA ALA B 353 8.71 45.16 -9.03
C ALA B 353 9.50 44.55 -7.86
N ARG B 354 9.01 44.79 -6.64
CA ARG B 354 9.72 44.32 -5.46
C ARG B 354 8.79 43.67 -4.44
N SER B 355 7.52 44.06 -4.46
CA SER B 355 6.53 43.54 -3.52
C SER B 355 5.11 43.68 -4.04
N PHE B 356 4.17 43.07 -3.32
CA PHE B 356 2.75 43.19 -3.63
C PHE B 356 2.06 44.10 -2.63
N SER B 357 0.88 44.56 -2.98
CA SER B 357 0.06 45.35 -2.05
C SER B 357 -0.69 44.42 -1.11
N ASP B 358 -1.10 44.94 0.04
CA ASP B 358 -1.83 44.12 1.02
C ASP B 358 -3.18 43.69 0.47
N ASP B 359 -3.74 44.49 -0.43
CA ASP B 359 -4.99 44.14 -1.08
C ASP B 359 -4.73 43.18 -2.22
N ALA B 360 -3.54 43.27 -2.81
CA ALA B 360 -3.18 42.43 -3.95
C ALA B 360 -3.04 40.98 -3.53
N VAL B 361 -2.73 40.78 -2.26
CA VAL B 361 -2.64 39.45 -1.66
C VAL B 361 -3.99 38.74 -1.68
N ARG B 362 -5.03 39.45 -1.24
CA ARG B 362 -6.38 38.91 -1.18
C ARG B 362 -6.88 38.40 -2.53
N GLY B 363 -6.69 39.21 -3.56
CA GLY B 363 -7.17 38.89 -4.89
C GLY B 363 -6.55 37.64 -5.51
N LEU B 364 -5.33 37.32 -5.10
CA LEU B 364 -4.63 36.15 -5.64
C LEU B 364 -5.23 34.85 -5.10
N THR B 365 -5.79 34.92 -3.90
CA THR B 365 -6.44 33.78 -3.29
C THR B 365 -7.89 33.68 -3.79
N ARG B 366 -8.27 34.61 -4.65
CA ARG B 366 -9.66 34.73 -5.09
C ARG B 366 -9.88 34.28 -6.54
N TYR B 367 -8.83 34.31 -7.35
CA TYR B 367 -8.96 33.98 -8.77
C TYR B 367 -9.15 32.48 -9.01
N HIS B 368 -9.44 31.75 -7.93
CA HIS B 368 -9.73 30.31 -8.00
C HIS B 368 -8.54 29.50 -8.53
N TRP B 369 -8.01 29.90 -9.68
CA TRP B 369 -6.89 29.24 -10.34
C TRP B 369 -7.24 27.81 -10.71
N PRO B 370 -7.93 27.63 -11.85
CA PRO B 370 -8.28 26.29 -12.36
C PRO B 370 -7.04 25.52 -12.80
N GLY B 371 -6.05 26.25 -13.32
CA GLY B 371 -4.84 25.64 -13.82
C GLY B 371 -3.74 25.54 -12.77
N ASN B 372 -4.11 25.82 -11.52
CA ASN B 372 -3.21 25.65 -10.39
C ASN B 372 -1.91 26.44 -10.48
N VAL B 373 -0.79 25.77 -10.22
CA VAL B 373 0.51 26.42 -10.15
C VAL B 373 0.97 26.93 -11.52
N ARG B 374 0.76 26.11 -12.55
CA ARG B 374 1.12 26.51 -13.91
C ARG B 374 0.42 27.80 -14.30
N GLU B 375 -0.83 27.94 -13.83
CA GLU B 375 -1.60 29.16 -14.09
C GLU B 375 -1.00 30.35 -13.33
N LEU B 376 -0.80 30.17 -12.03
CA LEU B 376 -0.28 31.22 -11.17
C LEU B 376 1.13 31.64 -11.57
N MET B 377 1.88 30.71 -12.14
CA MET B 377 3.27 30.98 -12.54
C MET B 377 3.31 31.79 -13.84
N ASN B 378 2.64 31.29 -14.87
CA ASN B 378 2.69 31.92 -16.19
C ASN B 378 1.88 33.20 -16.27
N GLN B 379 0.95 33.39 -15.34
CA GLN B 379 0.15 34.60 -15.30
C GLN B 379 0.93 35.72 -14.62
N ILE B 380 1.82 35.34 -13.72
CA ILE B 380 2.73 36.30 -13.08
C ILE B 380 3.76 36.79 -14.09
N LYS B 381 4.16 35.90 -15.00
CA LYS B 381 5.03 36.25 -16.11
C LYS B 381 4.47 37.44 -16.89
N ARG B 382 3.16 37.48 -16.99
CA ARG B 382 2.46 38.59 -17.64
C ARG B 382 2.61 39.87 -16.82
N VAL B 383 2.06 39.86 -15.62
CA VAL B 383 1.98 41.05 -14.76
C VAL B 383 3.35 41.67 -14.48
N VAL B 384 4.35 40.82 -14.25
CA VAL B 384 5.72 41.29 -14.02
C VAL B 384 6.24 42.05 -15.24
N LEU B 385 5.99 41.51 -16.43
CA LEU B 385 6.44 42.13 -17.67
C LEU B 385 5.43 43.16 -18.18
N MET B 386 4.62 43.72 -17.29
CA MET B 386 3.62 44.71 -17.69
C MET B 386 3.49 45.84 -16.66
N SER B 387 3.77 45.53 -15.40
CA SER B 387 3.63 46.51 -14.33
C SER B 387 4.84 47.42 -14.23
N ASP B 388 4.62 48.69 -13.92
CA ASP B 388 5.66 49.69 -13.92
C ASP B 388 6.04 50.18 -12.52
N THR B 389 5.18 49.92 -11.55
CA THR B 389 5.39 50.41 -10.19
C THR B 389 6.23 49.46 -9.34
N VAL B 390 6.90 50.01 -8.32
CA VAL B 390 7.67 49.21 -7.39
C VAL B 390 6.75 48.33 -6.56
N VAL B 391 5.58 48.88 -6.22
CA VAL B 391 4.55 48.13 -5.52
C VAL B 391 3.40 47.83 -6.49
N LEU B 392 3.11 46.55 -6.70
CA LEU B 392 2.06 46.17 -7.64
C LEU B 392 0.70 46.57 -7.09
N ASP B 393 0.19 47.69 -7.60
CA ASP B 393 -1.04 48.30 -7.09
C ASP B 393 -2.28 47.45 -7.33
N GLU B 394 -3.36 47.81 -6.64
CA GLU B 394 -4.64 47.10 -6.73
C GLU B 394 -5.18 47.07 -8.15
N SER B 395 -5.07 48.21 -8.83
CA SER B 395 -5.63 48.40 -10.17
C SER B 395 -5.00 47.51 -11.24
N GLN B 396 -3.86 46.89 -10.90
CA GLN B 396 -3.11 46.10 -11.87
C GLN B 396 -3.74 44.74 -12.15
N LEU B 397 -4.23 44.08 -11.10
CA LEU B 397 -4.71 42.71 -11.19
C LEU B 397 -6.14 42.57 -11.70
N ASP B 398 -6.55 43.44 -12.62
CA ASP B 398 -7.91 43.40 -13.14
C ASP B 398 -8.10 42.26 -14.14
N LEU B 399 -7.06 41.44 -14.29
CA LEU B 399 -7.10 40.26 -15.13
C LEU B 399 -7.66 39.06 -14.38
#